data_7R66
#
_entry.id   7R66
#
_cell.length_a   151.030
_cell.length_b   151.030
_cell.length_c   80.716
_cell.angle_alpha   90.000
_cell.angle_beta   90.000
_cell.angle_gamma   120.000
#
_symmetry.space_group_name_H-M   'H 3'
#
loop_
_entity.id
_entity.type
_entity.pdbx_description
1 polymer Peptidase
2 non-polymer (4S)-2-METHYL-2,4-PENTANEDIOL
3 non-polymer 'PHOSPHATE ION'
4 water water
#
_entity_poly.entity_id   1
_entity_poly.type   'polypeptide(L)'
_entity_poly.pdbx_seq_one_letter_code
;MKVLFLSADGFEDLELICPLHRIKEEGHEVYVASFERGKITGKHGYSVNVDLAFEEVGPDEFDALVLPGGRAPEIVRLNE
KAIEITRKMFEAGKPVASI(OCS)HGPQILISAGVLKGRKGTSTITIRDDVVNAGAEWVNEEVVVDGNWVSSRHPGDLYA
WMREFVKLLK
;
_entity_poly.pdbx_strand_id   A,B,C,D
#
loop_
_chem_comp.id
_chem_comp.type
_chem_comp.name
_chem_comp.formula
MPD non-polymer (4S)-2-METHYL-2,4-PENTANEDIOL 'C6 H14 O2'
PO4 non-polymer 'PHOSPHATE ION' 'O4 P -3'
#
# COMPACT_ATOMS: atom_id res chain seq x y z
N MET A 1 25.73 24.21 3.63
CA MET A 1 25.53 24.09 5.10
C MET A 1 26.42 22.95 5.61
N LYS A 2 26.79 23.04 6.87
CA LYS A 2 27.40 21.91 7.57
C LYS A 2 26.30 21.31 8.45
N VAL A 3 26.00 20.03 8.25
CA VAL A 3 24.89 19.38 8.95
C VAL A 3 25.45 18.36 9.95
N LEU A 4 25.03 18.48 11.20
CA LEU A 4 25.50 17.64 12.30
C LEU A 4 24.47 16.57 12.61
N PHE A 5 24.94 15.33 12.80
CA PHE A 5 24.13 14.19 13.22
C PHE A 5 24.63 13.75 14.59
N LEU A 6 23.72 13.61 15.56
CA LEU A 6 24.08 13.09 16.87
C LEU A 6 23.59 11.64 16.97
N SER A 7 24.49 10.72 17.30
CA SER A 7 24.08 9.33 17.40
C SER A 7 25.03 8.59 18.32
N ALA A 8 24.88 7.27 18.37
CA ALA A 8 25.67 6.39 19.22
C ALA A 8 25.34 4.97 18.83
N ASP A 9 26.00 4.01 19.48
CA ASP A 9 25.69 2.61 19.24
C ASP A 9 24.20 2.38 19.42
N GLY A 10 23.64 1.52 18.59
CA GLY A 10 22.24 1.19 18.64
C GLY A 10 21.35 2.09 17.83
N PHE A 11 21.91 2.94 16.97
CA PHE A 11 21.09 3.78 16.12
C PHE A 11 20.26 2.91 15.19
N GLU A 12 19.11 3.42 14.77
CA GLU A 12 18.33 2.77 13.72
C GLU A 12 19.05 3.05 12.40
N ASP A 13 19.53 1.97 11.76
CA ASP A 13 20.54 2.10 10.72
C ASP A 13 20.07 2.99 9.58
N LEU A 14 18.85 2.75 9.08
CA LEU A 14 18.37 3.53 7.94
C LEU A 14 18.14 4.99 8.29
N GLU A 15 17.72 5.25 9.54
CA GLU A 15 17.42 6.61 9.95
C GLU A 15 18.66 7.47 10.07
N LEU A 16 19.83 6.85 10.27
CA LEU A 16 21.10 7.59 10.24
C LEU A 16 21.66 7.61 8.83
N ILE A 17 21.75 6.44 8.18
CA ILE A 17 22.54 6.34 6.97
C ILE A 17 21.84 6.94 5.78
N CYS A 18 20.54 6.70 5.59
CA CYS A 18 19.90 7.27 4.42
C CYS A 18 19.95 8.79 4.43
N PRO A 19 19.66 9.47 5.55
CA PRO A 19 19.79 10.94 5.55
C PRO A 19 21.22 11.41 5.40
N LEU A 20 22.20 10.70 5.93
CA LEU A 20 23.58 11.10 5.73
C LEU A 20 23.85 11.23 4.25
N HIS A 21 23.47 10.20 3.49
CA HIS A 21 23.70 10.20 2.06
C HIS A 21 22.83 11.23 1.36
N ARG A 22 21.57 11.38 1.79
CA ARG A 22 20.69 12.34 1.13
C ARG A 22 21.26 13.74 1.22
N ILE A 23 21.75 14.10 2.40
CA ILE A 23 22.23 15.46 2.60
C ILE A 23 23.58 15.66 1.93
N LYS A 24 24.45 14.65 1.93
CA LYS A 24 25.70 14.75 1.17
C LYS A 24 25.44 14.88 -0.33
N GLU A 25 24.39 14.23 -0.82
CA GLU A 25 24.01 14.34 -2.22
C GLU A 25 23.76 15.78 -2.62
N GLU A 26 23.26 16.60 -1.69
CA GLU A 26 22.97 17.98 -2.01
C GLU A 26 24.23 18.83 -2.09
N GLY A 27 25.35 18.26 -1.71
CA GLY A 27 26.59 18.98 -1.66
C GLY A 27 26.89 19.56 -0.31
N HIS A 28 26.06 19.28 0.70
CA HIS A 28 26.36 19.76 2.04
C HIS A 28 27.38 18.85 2.67
N GLU A 29 28.14 19.39 3.62
CA GLU A 29 29.02 18.55 4.42
C GLU A 29 28.22 17.97 5.58
N VAL A 30 28.49 16.72 5.89
CA VAL A 30 27.82 16.00 6.98
C VAL A 30 28.86 15.53 7.97
N TYR A 31 28.50 15.59 9.25
CA TYR A 31 29.38 15.22 10.35
C TYR A 31 28.55 14.40 11.32
N VAL A 32 29.09 13.24 11.72
CA VAL A 32 28.51 12.43 12.79
C VAL A 32 29.28 12.70 14.07
N ALA A 33 28.56 13.08 15.12
CA ALA A 33 29.14 13.21 16.45
C ALA A 33 28.58 12.17 17.40
N SER A 34 29.43 11.68 18.31
CA SER A 34 29.01 10.72 19.32
C SER A 34 29.92 10.90 20.53
N PHE A 35 29.86 9.91 21.44
CA PHE A 35 30.65 9.98 22.67
C PHE A 35 32.13 10.06 22.37
N GLU A 36 32.60 9.30 21.38
CA GLU A 36 34.01 9.29 21.04
C GLU A 36 34.16 8.97 19.57
N ARG A 37 35.31 9.34 19.04
CA ARG A 37 35.65 8.93 17.69
C ARG A 37 35.78 7.43 17.62
N GLY A 38 35.72 6.92 16.40
CA GLY A 38 35.68 5.50 16.17
C GLY A 38 34.44 5.15 15.38
N LYS A 39 34.00 3.93 15.55
CA LYS A 39 32.85 3.44 14.82
C LYS A 39 31.71 3.22 15.80
N ILE A 40 30.50 3.47 15.33
CA ILE A 40 29.29 3.10 16.05
C ILE A 40 28.53 2.11 15.18
N THR A 41 27.78 1.24 15.83
CA THR A 41 27.14 0.11 15.17
C THR A 41 25.65 0.19 15.40
N GLY A 42 24.89 0.04 14.33
CA GLY A 42 23.46 0.16 14.43
C GLY A 42 22.79 -1.09 14.92
N LYS A 43 21.49 -0.95 15.21
CA LYS A 43 20.68 -2.10 15.61
C LYS A 43 20.77 -3.24 14.61
N HIS A 44 20.86 -2.92 13.32
CA HIS A 44 20.95 -3.94 12.26
C HIS A 44 22.37 -4.23 11.82
N GLY A 45 23.36 -3.71 12.53
CA GLY A 45 24.72 -4.11 12.33
C GLY A 45 25.53 -3.33 11.33
N TYR A 46 25.01 -2.23 10.77
CA TYR A 46 25.87 -1.38 9.96
C TYR A 46 26.77 -0.54 10.87
N SER A 47 27.97 -0.26 10.38
CA SER A 47 28.95 0.53 11.09
C SER A 47 29.07 1.90 10.42
N VAL A 48 29.10 2.94 11.24
CA VAL A 48 29.28 4.32 10.77
C VAL A 48 30.46 4.92 11.52
N ASN A 49 31.29 5.68 10.82
CA ASN A 49 32.41 6.36 11.45
C ASN A 49 31.93 7.61 12.15
N VAL A 50 32.45 7.81 13.36
CA VAL A 50 32.15 9.00 14.13
C VAL A 50 33.24 10.02 13.83
N ASP A 51 32.82 11.19 13.34
CA ASP A 51 33.77 12.23 12.98
C ASP A 51 34.25 13.05 14.17
N LEU A 52 33.40 13.25 15.17
CA LEU A 52 33.73 14.14 16.26
C LEU A 52 33.12 13.62 17.56
N ALA A 53 33.86 13.76 18.65
CA ALA A 53 33.26 13.60 19.96
C ALA A 53 32.39 14.81 20.27
N PHE A 54 31.35 14.60 21.09
CA PHE A 54 30.48 15.72 21.42
C PHE A 54 31.29 16.89 21.95
N GLU A 55 32.35 16.60 22.71
CA GLU A 55 33.12 17.66 23.32
C GLU A 55 33.88 18.51 22.30
N GLU A 56 34.09 18.02 21.07
CA GLU A 56 34.74 18.78 20.02
C GLU A 56 33.77 19.68 19.25
N VAL A 57 32.48 19.58 19.49
CA VAL A 57 31.46 20.27 18.72
C VAL A 57 31.09 21.56 19.43
N GLY A 58 31.19 22.70 18.74
CA GLY A 58 30.71 23.94 19.29
C GLY A 58 29.21 24.06 19.21
N PRO A 59 28.55 24.58 20.25
CA PRO A 59 27.09 24.69 20.18
C PRO A 59 26.61 25.59 19.04
N ASP A 60 27.48 26.45 18.51
CA ASP A 60 27.17 27.34 17.40
C ASP A 60 27.84 26.92 16.09
N GLU A 61 28.50 25.76 16.06
CA GLU A 61 29.42 25.46 14.97
C GLU A 61 28.71 25.05 13.68
N PHE A 62 27.62 24.30 13.78
CA PHE A 62 26.95 23.70 12.63
C PHE A 62 25.67 24.46 12.29
N ASP A 63 25.16 24.21 11.08
CA ASP A 63 24.04 24.97 10.54
C ASP A 63 22.70 24.25 10.68
N ALA A 64 22.71 22.93 10.88
CA ALA A 64 21.50 22.14 10.98
C ALA A 64 21.85 20.88 11.75
N LEU A 65 20.82 20.24 12.31
CA LEU A 65 20.96 19.11 13.21
C LEU A 65 20.00 18.00 12.82
N VAL A 66 20.49 16.75 12.85
CA VAL A 66 19.66 15.58 12.60
C VAL A 66 19.79 14.65 13.79
N LEU A 67 18.64 14.18 14.28
CA LEU A 67 18.53 13.31 15.45
C LEU A 67 17.84 12.03 15.03
N PRO A 68 18.61 11.04 14.56
CA PRO A 68 18.01 9.74 14.22
C PRO A 68 17.57 9.00 15.47
N GLY A 69 16.87 7.90 15.24
CA GLY A 69 16.32 7.10 16.29
C GLY A 69 17.13 5.87 16.62
N GLY A 70 16.40 4.85 17.07
CA GLY A 70 16.96 3.63 17.62
C GLY A 70 17.09 3.72 19.12
N ARG A 71 18.02 2.94 19.66
CA ARG A 71 18.34 2.99 21.10
C ARG A 71 19.35 4.09 21.42
N ALA A 72 19.95 4.69 20.42
CA ALA A 72 21.00 5.66 20.69
C ALA A 72 20.48 6.91 21.39
N PRO A 73 19.30 7.46 21.07
CA PRO A 73 18.88 8.68 21.80
C PRO A 73 18.86 8.51 23.30
N GLU A 74 18.54 7.32 23.79
CA GLU A 74 18.42 7.12 25.23
C GLU A 74 19.76 7.32 25.93
N ILE A 75 20.87 7.06 25.23
CA ILE A 75 22.17 7.35 25.85
C ILE A 75 22.70 8.74 25.45
N VAL A 76 22.48 9.19 24.20
CA VAL A 76 22.93 10.54 23.81
C VAL A 76 22.35 11.57 24.76
N ARG A 77 21.10 11.37 25.19
CA ARG A 77 20.39 12.35 26.01
C ARG A 77 21.03 12.55 27.39
N LEU A 78 21.92 11.65 27.81
CA LEU A 78 22.62 11.76 29.07
C LEU A 78 23.87 12.62 28.98
N ASN A 79 24.32 12.97 27.79
CA ASN A 79 25.58 13.68 27.64
C ASN A 79 25.29 15.16 27.68
N GLU A 80 25.88 15.87 28.65
CA GLU A 80 25.55 17.28 28.84
C GLU A 80 25.89 18.08 27.59
N LYS A 81 27.01 17.76 26.94
CA LYS A 81 27.39 18.57 25.79
C LYS A 81 26.44 18.35 24.62
N ALA A 82 26.03 17.09 24.38
CA ALA A 82 25.07 16.83 23.32
C ALA A 82 23.77 17.61 23.54
N ILE A 83 23.29 17.66 24.78
CA ILE A 83 22.06 18.37 25.08
C ILE A 83 22.27 19.88 24.92
N GLU A 84 23.44 20.37 25.30
CA GLU A 84 23.72 21.81 25.16
C GLU A 84 23.77 22.19 23.69
N ILE A 85 24.43 21.38 22.88
CA ILE A 85 24.44 21.62 21.43
C ILE A 85 23.01 21.66 20.89
N THR A 86 22.23 20.62 21.22
CA THR A 86 20.86 20.52 20.71
C THR A 86 20.05 21.71 21.16
N ARG A 87 20.18 22.09 22.43
CA ARG A 87 19.41 23.21 22.92
C ARG A 87 19.75 24.48 22.16
N LYS A 88 21.05 24.76 22.00
CA LYS A 88 21.45 26.01 21.35
CA LYS A 88 21.43 26.01 21.36
C LYS A 88 20.96 26.03 19.92
N MET A 89 21.17 24.93 19.18
CA MET A 89 20.79 24.92 17.78
C MET A 89 19.27 25.02 17.60
N PHE A 90 18.53 24.30 18.42
CA PHE A 90 17.06 24.31 18.30
C PHE A 90 16.51 25.67 18.66
N GLU A 91 17.01 26.28 19.72
CA GLU A 91 16.51 27.59 20.15
CA GLU A 91 16.49 27.58 20.14
C GLU A 91 16.90 28.70 19.19
N ALA A 92 18.00 28.50 18.43
CA ALA A 92 18.47 29.45 17.43
C ALA A 92 17.69 29.36 16.13
N GLY A 93 16.75 28.44 16.03
CA GLY A 93 15.94 28.36 14.84
C GLY A 93 16.61 27.63 13.71
N LYS A 94 17.72 26.94 13.96
CA LYS A 94 18.39 26.19 12.91
C LYS A 94 17.57 24.93 12.61
N PRO A 95 17.58 24.46 11.36
CA PRO A 95 16.79 23.26 11.04
C PRO A 95 17.22 22.09 11.91
N VAL A 96 16.23 21.46 12.54
CA VAL A 96 16.42 20.25 13.35
C VAL A 96 15.45 19.19 12.87
N ALA A 97 15.99 18.04 12.45
CA ALA A 97 15.17 16.93 12.02
C ALA A 97 15.27 15.82 13.04
N SER A 98 14.13 15.27 13.43
CA SER A 98 14.13 14.10 14.30
C SER A 98 13.25 13.01 13.73
N ILE A 99 13.56 11.77 14.11
CA ILE A 99 12.70 10.65 13.74
C ILE A 99 12.68 9.63 14.87
N OCS A 100 11.53 8.98 15.09
CA OCS A 100 11.42 7.77 15.98
CB OCS A 100 12.35 6.66 15.41
SG OCS A 100 12.57 5.01 16.25
C OCS A 100 11.69 8.16 17.42
O OCS A 100 10.93 8.96 18.00
OD1 OCS A 100 12.85 4.05 15.17
OD2 OCS A 100 13.72 5.04 17.15
OD3 OCS A 100 11.40 4.65 16.90
HA OCS A 100 10.52 7.37 15.98
HB2 OCS A 100 13.24 7.03 15.37
HB3 OCS A 100 12.04 6.45 14.52
N HIS A 101 12.77 7.64 18.00
CA HIS A 101 13.17 8.02 19.35
C HIS A 101 14.00 9.29 19.44
N GLY A 102 14.38 9.87 18.30
CA GLY A 102 15.19 11.07 18.27
C GLY A 102 14.76 12.14 19.28
N PRO A 103 13.46 12.39 19.41
CA PRO A 103 12.99 13.47 20.32
C PRO A 103 13.34 13.28 21.76
N GLN A 104 13.79 12.09 22.18
CA GLN A 104 14.26 11.96 23.56
C GLN A 104 15.37 12.95 23.86
N ILE A 105 16.20 13.24 22.86
CA ILE A 105 17.27 14.21 23.03
C ILE A 105 16.68 15.61 23.19
N LEU A 106 15.63 15.93 22.43
CA LEU A 106 14.97 17.23 22.54
C LEU A 106 14.29 17.38 23.90
N ILE A 107 13.65 16.30 24.39
CA ILE A 107 13.08 16.29 25.73
C ILE A 107 14.12 16.70 26.74
N SER A 108 15.27 16.06 26.69
CA SER A 108 16.33 16.31 27.67
C SER A 108 16.96 17.67 27.51
N ALA A 109 16.91 18.25 26.32
CA ALA A 109 17.39 19.60 26.08
C ALA A 109 16.43 20.64 26.62
N GLY A 110 15.21 20.24 26.99
CA GLY A 110 14.27 21.13 27.64
C GLY A 110 13.61 22.09 26.70
N VAL A 111 13.53 21.75 25.41
CA VAL A 111 13.13 22.70 24.38
C VAL A 111 11.72 22.47 23.84
N LEU A 112 10.97 21.49 24.34
CA LEU A 112 9.75 21.11 23.65
C LEU A 112 8.47 21.77 24.18
N LYS A 113 8.52 22.54 25.26
CA LYS A 113 7.28 23.13 25.74
C LYS A 113 6.71 24.08 24.69
N GLY A 114 5.46 23.86 24.29
CA GLY A 114 4.83 24.73 23.32
C GLY A 114 5.20 24.43 21.89
N ARG A 115 5.85 23.30 21.64
CA ARG A 115 6.17 22.85 20.31
C ARG A 115 5.17 21.78 19.88
N LYS A 116 5.29 21.33 18.64
CA LYS A 116 4.37 20.39 18.04
C LYS A 116 5.16 19.46 17.15
N GLY A 117 4.93 18.16 17.32
CA GLY A 117 5.72 17.22 16.54
C GLY A 117 5.23 15.81 16.73
N THR A 118 5.96 14.90 16.09
CA THR A 118 5.66 13.48 16.17
C THR A 118 6.93 12.72 16.55
N SER A 119 6.78 11.41 16.72
CA SER A 119 7.84 10.54 17.18
C SER A 119 7.29 9.12 17.04
N THR A 120 8.06 8.15 17.47
CA THR A 120 7.43 6.85 17.66
C THR A 120 6.36 6.98 18.74
N ILE A 121 5.24 6.27 18.57
CA ILE A 121 4.15 6.38 19.50
C ILE A 121 4.54 5.87 20.87
N THR A 122 5.58 5.02 20.93
CA THR A 122 6.01 4.48 22.22
C THR A 122 6.60 5.53 23.16
N ILE A 123 6.85 6.77 22.67
CA ILE A 123 7.29 7.86 23.53
C ILE A 123 6.35 9.05 23.47
N ARG A 124 5.18 8.88 22.85
CA ARG A 124 4.19 9.98 22.82
C ARG A 124 4.00 10.58 24.21
N ASP A 125 3.79 9.74 25.21
CA ASP A 125 3.44 10.29 26.53
C ASP A 125 4.58 11.12 27.12
N ASP A 126 5.82 10.77 26.80
CA ASP A 126 6.96 11.54 27.29
C ASP A 126 7.11 12.86 26.54
N VAL A 127 6.82 12.85 25.25
CA VAL A 127 6.79 14.12 24.50
C VAL A 127 5.73 15.05 25.07
N VAL A 128 4.55 14.50 25.35
CA VAL A 128 3.48 15.30 25.94
C VAL A 128 3.89 15.84 27.30
N ASN A 129 4.50 14.98 28.13
CA ASN A 129 4.93 15.45 29.44
C ASN A 129 6.03 16.50 29.36
N ALA A 130 6.77 16.55 28.27
CA ALA A 130 7.77 17.58 28.04
C ALA A 130 7.15 18.89 27.60
N GLY A 131 5.84 18.91 27.37
CA GLY A 131 5.11 20.11 27.06
C GLY A 131 4.74 20.31 25.60
N ALA A 132 5.01 19.34 24.75
CA ALA A 132 4.70 19.48 23.34
C ALA A 132 3.34 18.89 23.04
N GLU A 133 2.78 19.32 21.93
CA GLU A 133 1.61 18.68 21.33
C GLU A 133 2.14 17.55 20.45
N TRP A 134 1.67 16.34 20.68
CA TRP A 134 2.09 15.20 19.88
C TRP A 134 1.00 14.86 18.88
N VAL A 135 1.40 14.65 17.61
CA VAL A 135 0.47 14.19 16.57
C VAL A 135 1.03 12.99 15.86
N ASN A 136 0.15 12.16 15.26
CA ASN A 136 0.59 10.98 14.51
C ASN A 136 0.55 11.30 13.03
N GLU A 137 1.68 11.69 12.45
CA GLU A 137 1.74 12.04 11.04
CA GLU A 137 1.74 12.02 11.04
C GLU A 137 3.07 11.57 10.49
N GLU A 138 3.10 11.23 9.19
CA GLU A 138 4.37 10.78 8.62
C GLU A 138 5.44 11.86 8.71
N VAL A 139 5.06 13.14 8.67
CA VAL A 139 6.00 14.24 8.89
C VAL A 139 5.24 15.44 9.43
N VAL A 140 5.86 16.13 10.38
CA VAL A 140 5.35 17.37 10.95
C VAL A 140 6.43 18.43 10.78
N VAL A 141 6.04 19.63 10.38
CA VAL A 141 6.93 20.77 10.28
C VAL A 141 6.42 21.79 11.29
N ASP A 142 7.19 22.06 12.34
CA ASP A 142 6.85 23.06 13.36
C ASP A 142 7.99 24.05 13.40
N GLY A 143 7.88 25.10 12.58
CA GLY A 143 8.97 26.05 12.48
C GLY A 143 10.20 25.33 11.95
N ASN A 144 11.27 25.37 12.73
CA ASN A 144 12.53 24.74 12.39
C ASN A 144 12.56 23.24 12.71
N TRP A 145 11.57 22.70 13.39
CA TRP A 145 11.59 21.30 13.84
C TRP A 145 10.77 20.43 12.89
N VAL A 146 11.45 19.55 12.15
CA VAL A 146 10.84 18.61 11.20
C VAL A 146 10.93 17.22 11.83
N SER A 147 9.79 16.62 12.11
CA SER A 147 9.72 15.36 12.84
C SER A 147 8.96 14.29 12.07
N SER A 148 9.42 13.04 12.21
CA SER A 148 8.79 11.87 11.62
CA SER A 148 8.73 11.89 11.66
C SER A 148 8.84 10.71 12.63
N ARG A 149 8.27 9.57 12.27
CA ARG A 149 8.13 8.46 13.23
C ARG A 149 9.02 7.24 13.02
N HIS A 150 9.10 6.74 11.81
CA HIS A 150 9.72 5.44 11.63
C HIS A 150 10.35 5.42 10.25
N PRO A 151 11.14 4.39 9.94
CA PRO A 151 11.87 4.42 8.67
C PRO A 151 10.98 4.54 7.45
N GLY A 152 9.75 4.06 7.50
CA GLY A 152 8.86 4.15 6.37
C GLY A 152 8.54 5.58 6.02
N ASP A 153 8.82 6.52 6.92
CA ASP A 153 8.54 7.91 6.70
C ASP A 153 9.73 8.64 6.06
N LEU A 154 10.82 7.92 5.74
CA LEU A 154 12.05 8.62 5.39
C LEU A 154 11.86 9.57 4.22
N TYR A 155 11.14 9.15 3.17
CA TYR A 155 11.06 9.98 1.97
C TYR A 155 10.40 11.32 2.28
N ALA A 156 9.37 11.29 3.12
CA ALA A 156 8.61 12.49 3.45
C ALA A 156 9.37 13.36 4.42
N TRP A 157 10.02 12.72 5.40
CA TRP A 157 10.87 13.41 6.37
C TRP A 157 11.95 14.19 5.64
N MET A 158 12.66 13.54 4.72
CA MET A 158 13.72 14.24 4.02
C MET A 158 13.17 15.28 3.04
N ARG A 159 12.06 14.99 2.38
CA ARG A 159 11.50 15.98 1.46
C ARG A 159 11.26 17.29 2.19
N GLU A 160 10.73 17.22 3.40
CA GLU A 160 10.45 18.46 4.13
C GLU A 160 11.72 19.05 4.72
N PHE A 161 12.63 18.22 5.22
CA PHE A 161 13.82 18.78 5.85
C PHE A 161 14.70 19.49 4.84
N VAL A 162 14.87 18.91 3.64
CA VAL A 162 15.78 19.50 2.67
C VAL A 162 15.26 20.88 2.25
N LYS A 163 13.95 21.09 2.28
CA LYS A 163 13.43 22.42 2.00
C LYS A 163 14.00 23.46 2.96
N LEU A 164 14.17 23.10 4.25
CA LEU A 164 14.73 24.05 5.20
C LEU A 164 16.22 24.25 5.00
N LEU A 165 16.90 23.35 4.31
CA LEU A 165 18.32 23.56 4.09
C LEU A 165 18.58 24.50 2.94
N LYS A 166 17.58 24.76 2.09
CA LYS A 166 17.71 25.69 0.99
C LYS A 166 17.75 27.12 1.51
N MET B 1 7.55 9.77 -13.07
CA MET B 1 7.96 8.48 -13.67
C MET B 1 7.62 7.32 -12.74
N LYS B 2 7.56 6.13 -13.32
CA LYS B 2 7.44 4.87 -12.59
C LYS B 2 8.77 4.14 -12.65
N VAL B 3 9.37 3.94 -11.49
CA VAL B 3 10.73 3.40 -11.39
C VAL B 3 10.63 2.00 -10.81
N LEU B 4 11.22 1.03 -11.51
CA LEU B 4 11.17 -0.37 -11.14
C LEU B 4 12.49 -0.79 -10.51
N PHE B 5 12.39 -1.55 -9.42
CA PHE B 5 13.54 -2.08 -8.69
C PHE B 5 13.44 -3.59 -8.75
N LEU B 6 14.50 -4.26 -9.19
CA LEU B 6 14.55 -5.72 -9.20
C LEU B 6 15.39 -6.18 -8.03
N SER B 7 14.84 -7.05 -7.20
CA SER B 7 15.57 -7.55 -6.06
C SER B 7 15.00 -8.90 -5.61
N ALA B 8 15.50 -9.38 -4.49
CA ALA B 8 15.14 -10.68 -3.92
C ALA B 8 15.75 -10.75 -2.53
N ASP B 9 15.49 -11.87 -1.83
CA ASP B 9 16.09 -12.04 -0.52
C ASP B 9 17.59 -11.88 -0.63
N GLY B 10 18.21 -11.33 0.41
CA GLY B 10 19.64 -11.12 0.43
C GLY B 10 20.09 -9.84 -0.21
N PHE B 11 19.17 -8.93 -0.53
CA PHE B 11 19.57 -7.63 -1.03
C PHE B 11 20.38 -6.88 0.03
N GLU B 12 21.27 -6.01 -0.45
CA GLU B 12 22.00 -5.11 0.44
C GLU B 12 21.01 -4.04 0.89
N ASP B 13 20.71 -4.00 2.19
CA ASP B 13 19.52 -3.28 2.65
C ASP B 13 19.57 -1.81 2.25
N LEU B 14 20.70 -1.13 2.48
CA LEU B 14 20.76 0.30 2.19
C LEU B 14 20.64 0.57 0.69
N GLU B 15 21.18 -0.34 -0.13
CA GLU B 15 21.18 -0.13 -1.57
C GLU B 15 19.79 -0.26 -2.19
N LEU B 16 18.86 -0.96 -1.54
CA LEU B 16 17.47 -1.01 -1.98
C LEU B 16 16.67 0.10 -1.30
N ILE B 17 16.78 0.22 0.02
CA ILE B 17 15.84 1.04 0.74
C ILE B 17 16.15 2.52 0.60
N CYS B 18 17.42 2.92 0.65
CA CYS B 18 17.68 4.34 0.56
C CYS B 18 17.26 4.89 -0.79
N PRO B 19 17.52 4.24 -1.92
N PRO B 19 17.53 4.25 -1.92
CA PRO B 19 17.04 4.76 -3.21
CA PRO B 19 17.04 4.79 -3.19
C PRO B 19 15.54 4.70 -3.36
N LEU B 20 14.87 3.72 -2.74
CA LEU B 20 13.42 3.72 -2.79
C LEU B 20 12.90 5.03 -2.24
N HIS B 21 13.43 5.42 -1.06
CA HIS B 21 12.98 6.66 -0.44
C HIS B 21 13.44 7.89 -1.20
N ARG B 22 14.67 7.87 -1.71
CA ARG B 22 15.16 9.04 -2.42
C ARG B 22 14.31 9.32 -3.64
N ILE B 23 13.96 8.26 -4.36
CA ILE B 23 13.23 8.44 -5.61
C ILE B 23 11.76 8.80 -5.34
N LYS B 24 11.15 8.22 -4.29
CA LYS B 24 9.80 8.63 -3.91
C LYS B 24 9.77 10.07 -3.40
N GLU B 25 10.85 10.48 -2.71
CA GLU B 25 10.94 11.85 -2.23
C GLU B 25 10.83 12.84 -3.37
N GLU B 26 11.41 12.49 -4.52
CA GLU B 26 11.33 13.36 -5.69
C GLU B 26 9.95 13.43 -6.30
N GLY B 27 9.02 12.58 -5.86
CA GLY B 27 7.68 12.53 -6.42
C GLY B 27 7.46 11.47 -7.48
N HIS B 28 8.42 10.58 -7.71
CA HIS B 28 8.23 9.46 -8.60
C HIS B 28 7.56 8.34 -7.84
N GLU B 29 6.91 7.45 -8.60
CA GLU B 29 6.36 6.21 -8.04
C GLU B 29 7.42 5.12 -8.12
N VAL B 30 7.51 4.29 -7.09
CA VAL B 30 8.53 3.25 -7.00
C VAL B 30 7.86 1.89 -6.83
N TYR B 31 8.41 0.87 -7.49
CA TYR B 31 7.84 -0.47 -7.48
C TYR B 31 8.95 -1.50 -7.33
N VAL B 32 8.74 -2.47 -6.44
CA VAL B 32 9.70 -3.54 -6.21
C VAL B 32 9.17 -4.81 -6.85
N ALA B 33 9.98 -5.44 -7.72
CA ALA B 33 9.61 -6.72 -8.32
C ALA B 33 10.59 -7.78 -7.85
N SER B 34 10.06 -8.97 -7.63
CA SER B 34 10.89 -10.11 -7.25
C SER B 34 10.22 -11.38 -7.75
N PHE B 35 10.68 -12.53 -7.24
CA PHE B 35 10.17 -13.82 -7.71
C PHE B 35 8.69 -13.97 -7.41
N GLU B 36 8.25 -13.47 -6.27
CA GLU B 36 6.85 -13.56 -5.93
C GLU B 36 6.46 -12.37 -5.05
N ARG B 37 5.18 -12.04 -5.07
CA ARG B 37 4.68 -11.04 -4.15
C ARG B 37 4.89 -11.53 -2.73
N GLY B 38 4.85 -10.59 -1.80
CA GLY B 38 5.11 -10.94 -0.41
C GLY B 38 6.14 -9.99 0.15
N LYS B 39 7.05 -10.49 0.97
CA LYS B 39 8.17 -9.70 1.45
C LYS B 39 9.48 -10.36 1.08
N ILE B 40 10.51 -9.55 0.97
CA ILE B 40 11.90 -9.98 0.85
C ILE B 40 12.69 -9.37 2.00
N THR B 41 13.72 -10.10 2.42
CA THR B 41 14.53 -9.75 3.59
C THR B 41 15.97 -9.54 3.19
N GLY B 42 16.54 -8.46 3.68
CA GLY B 42 17.89 -8.10 3.33
C GLY B 42 18.94 -8.81 4.15
N LYS B 43 20.18 -8.64 3.71
CA LYS B 43 21.33 -9.18 4.42
C LYS B 43 21.35 -8.76 5.88
N HIS B 44 20.96 -7.51 6.17
CA HIS B 44 20.93 -7.01 7.53
C HIS B 44 19.55 -7.07 8.17
N GLY B 45 18.61 -7.78 7.57
CA GLY B 45 17.39 -8.12 8.25
C GLY B 45 16.20 -7.22 8.02
N TYR B 46 16.33 -6.15 7.24
CA TYR B 46 15.18 -5.33 6.94
C TYR B 46 14.28 -6.04 5.93
N SER B 47 12.97 -5.84 6.08
CA SER B 47 11.96 -6.43 5.22
C SER B 47 11.37 -5.35 4.33
N VAL B 48 11.20 -5.69 3.04
CA VAL B 48 10.62 -4.83 2.03
C VAL B 48 9.50 -5.59 1.31
N ASN B 49 8.36 -4.91 1.12
CA ASN B 49 7.24 -5.48 0.40
C ASN B 49 7.52 -5.51 -1.09
N VAL B 50 7.22 -6.65 -1.70
CA VAL B 50 7.33 -6.84 -3.15
C VAL B 50 5.98 -6.53 -3.76
N ASP B 51 5.96 -5.57 -4.68
CA ASP B 51 4.73 -5.14 -5.33
C ASP B 51 4.30 -6.08 -6.46
N LEU B 52 5.27 -6.69 -7.16
CA LEU B 52 4.98 -7.41 -8.39
C LEU B 52 5.93 -8.59 -8.50
N ALA B 53 5.44 -9.70 -9.02
CA ALA B 53 6.36 -10.75 -9.47
C ALA B 53 6.88 -10.40 -10.85
N PHE B 54 8.09 -10.89 -11.15
CA PHE B 54 8.68 -10.56 -12.44
C PHE B 54 7.71 -10.85 -13.60
N GLU B 55 7.01 -11.98 -13.52
CA GLU B 55 6.15 -12.44 -14.61
C GLU B 55 5.03 -11.45 -14.91
N GLU B 56 4.71 -10.58 -13.96
CA GLU B 56 3.67 -9.58 -14.14
C GLU B 56 4.19 -8.29 -14.75
N VAL B 57 5.50 -8.12 -14.87
CA VAL B 57 6.08 -6.86 -15.35
C VAL B 57 6.23 -6.94 -16.85
N GLY B 58 5.74 -5.93 -17.56
CA GLY B 58 5.97 -5.85 -18.98
C GLY B 58 7.32 -5.22 -19.24
N PRO B 59 8.06 -5.73 -20.23
CA PRO B 59 9.37 -5.13 -20.51
C PRO B 59 9.31 -3.66 -20.93
N ASP B 60 8.13 -3.11 -21.24
CA ASP B 60 7.97 -1.68 -21.54
C ASP B 60 7.13 -0.91 -20.50
N GLU B 61 6.79 -1.54 -19.37
CA GLU B 61 5.82 -0.96 -18.44
C GLU B 61 6.39 0.21 -17.63
N PHE B 62 7.68 0.22 -17.36
CA PHE B 62 8.26 1.19 -16.44
C PHE B 62 9.23 2.12 -17.15
N ASP B 63 9.52 3.26 -16.50
CA ASP B 63 10.31 4.32 -17.12
C ASP B 63 11.79 4.30 -16.78
N ALA B 64 12.17 3.63 -15.70
CA ALA B 64 13.55 3.55 -15.25
C ALA B 64 13.69 2.32 -14.39
N LEU B 65 14.95 1.89 -14.21
CA LEU B 65 15.28 0.62 -13.58
C LEU B 65 16.41 0.82 -12.59
N VAL B 66 16.26 0.18 -11.42
CA VAL B 66 17.29 0.22 -10.38
C VAL B 66 17.62 -1.21 -9.99
N LEU B 67 18.91 -1.53 -9.97
CA LEU B 67 19.47 -2.85 -9.69
C LEU B 67 20.36 -2.74 -8.46
N PRO B 68 19.79 -2.89 -7.26
CA PRO B 68 20.59 -2.91 -6.05
C PRO B 68 21.46 -4.16 -6.01
N GLY B 69 22.38 -4.18 -5.05
CA GLY B 69 23.31 -5.27 -4.86
C GLY B 69 22.93 -6.21 -3.72
N GLY B 70 23.94 -6.74 -3.08
CA GLY B 70 23.76 -7.85 -2.16
C GLY B 70 23.95 -9.18 -2.86
N ARG B 71 23.39 -10.22 -2.24
CA ARG B 71 23.37 -11.55 -2.82
CA ARG B 71 23.37 -11.56 -2.81
C ARG B 71 22.20 -11.74 -3.77
N ALA B 72 21.26 -10.79 -3.80
CA ALA B 72 20.09 -10.95 -4.63
C ALA B 72 20.39 -11.02 -6.13
N PRO B 73 21.29 -10.20 -6.68
CA PRO B 73 21.51 -10.26 -8.14
C PRO B 73 21.89 -11.64 -8.63
N GLU B 74 22.60 -12.42 -7.81
CA GLU B 74 23.04 -13.74 -8.24
C GLU B 74 21.87 -14.68 -8.49
N ILE B 75 20.74 -14.47 -7.81
CA ILE B 75 19.55 -15.27 -8.11
C ILE B 75 18.63 -14.56 -9.09
N VAL B 76 18.49 -13.24 -9.00
CA VAL B 76 17.65 -12.54 -9.96
C VAL B 76 18.13 -12.81 -11.39
N ARG B 77 19.44 -12.87 -11.59
CA ARG B 77 20.00 -13.03 -12.94
C ARG B 77 19.63 -14.37 -13.58
N LEU B 78 19.06 -15.30 -12.81
CA LEU B 78 18.64 -16.59 -13.32
C LEU B 78 17.21 -16.57 -13.84
N ASN B 79 16.45 -15.55 -13.50
CA ASN B 79 15.07 -15.49 -13.93
C ASN B 79 15.02 -14.90 -15.33
N GLU B 80 14.48 -15.65 -16.27
CA GLU B 80 14.54 -15.21 -17.65
C GLU B 80 13.71 -13.94 -17.90
N LYS B 81 12.60 -13.78 -17.21
CA LYS B 81 11.81 -12.57 -17.41
C LYS B 81 12.51 -11.35 -16.84
N ALA B 82 13.15 -11.48 -15.68
CA ALA B 82 13.92 -10.36 -15.10
C ALA B 82 15.00 -9.88 -16.06
N ILE B 83 15.74 -10.81 -16.68
CA ILE B 83 16.82 -10.36 -17.55
C ILE B 83 16.26 -9.84 -18.87
N GLU B 84 15.09 -10.32 -19.30
CA GLU B 84 14.44 -9.80 -20.51
C GLU B 84 13.96 -8.36 -20.26
N ILE B 85 13.37 -8.10 -19.10
CA ILE B 85 12.97 -6.75 -18.74
C ILE B 85 14.19 -5.84 -18.75
N THR B 86 15.27 -6.30 -18.10
CA THR B 86 16.48 -5.48 -18.01
C THR B 86 17.05 -5.17 -19.39
N ARG B 87 17.15 -6.19 -20.25
CA ARG B 87 17.69 -5.99 -21.59
C ARG B 87 16.86 -4.98 -22.35
N LYS B 88 15.54 -5.16 -22.33
CA LYS B 88 14.69 -4.27 -23.12
C LYS B 88 14.80 -2.84 -22.63
N MET B 89 14.76 -2.62 -21.30
CA MET B 89 14.83 -1.27 -20.79
C MET B 89 16.20 -0.63 -21.03
N PHE B 90 17.28 -1.39 -20.83
CA PHE B 90 18.62 -0.85 -21.04
C PHE B 90 18.84 -0.50 -22.51
N GLU B 91 18.44 -1.39 -23.41
CA GLU B 91 18.66 -1.17 -24.84
CA GLU B 91 18.68 -1.14 -24.83
C GLU B 91 17.79 -0.04 -25.37
N ALA B 92 16.65 0.22 -24.72
CA ALA B 92 15.75 1.30 -25.12
C ALA B 92 16.23 2.66 -24.66
N GLY B 93 17.32 2.70 -23.90
CA GLY B 93 17.84 3.95 -23.37
C GLY B 93 17.20 4.46 -22.10
N LYS B 94 16.40 3.63 -21.41
CA LYS B 94 15.81 4.08 -20.16
C LYS B 94 16.89 4.18 -19.09
N PRO B 95 16.72 5.09 -18.13
CA PRO B 95 17.73 5.22 -17.06
C PRO B 95 17.84 3.92 -16.29
N VAL B 96 19.07 3.42 -16.12
CA VAL B 96 19.33 2.19 -15.38
C VAL B 96 20.43 2.48 -14.38
N ALA B 97 20.14 2.30 -13.10
CA ALA B 97 21.09 2.52 -12.03
C ALA B 97 21.48 1.15 -11.47
N SER B 98 22.78 0.91 -11.30
CA SER B 98 23.25 -0.29 -10.63
C SER B 98 24.28 0.05 -9.56
N ILE B 99 24.32 -0.79 -8.52
CA ILE B 99 25.36 -0.64 -7.50
C ILE B 99 25.85 -2.02 -7.10
N OCS B 100 27.15 -2.13 -6.75
CA OCS B 100 27.71 -3.34 -6.10
CB OCS B 100 26.99 -3.50 -4.75
SG OCS B 100 27.55 -4.77 -3.58
C OCS B 100 27.62 -4.59 -7.01
O OCS B 100 28.29 -4.60 -8.08
OD1 OCS B 100 26.76 -5.97 -3.79
OD2 OCS B 100 28.94 -4.90 -3.79
OD3 OCS B 100 27.28 -4.31 -2.23
HA OCS B 100 28.68 -3.26 -5.93
HB2 OCS B 100 26.06 -3.70 -4.95
HB3 OCS B 100 27.06 -2.65 -4.29
N HIS B 101 26.85 -5.60 -6.63
CA HIS B 101 26.63 -6.78 -7.47
C HIS B 101 25.53 -6.60 -8.53
N GLY B 102 24.82 -5.48 -8.47
CA GLY B 102 23.74 -5.22 -9.39
C GLY B 102 24.06 -5.59 -10.85
N PRO B 103 25.27 -5.22 -11.34
CA PRO B 103 25.60 -5.52 -12.74
C PRO B 103 25.61 -6.97 -13.11
N GLN B 104 25.58 -7.92 -12.16
CA GLN B 104 25.42 -9.32 -12.57
C GLN B 104 24.17 -9.49 -13.43
N ILE B 105 23.12 -8.73 -13.12
CA ILE B 105 21.89 -8.83 -13.88
C ILE B 105 22.11 -8.29 -15.30
N LEU B 106 22.85 -7.17 -15.42
CA LEU B 106 23.19 -6.61 -16.73
C LEU B 106 24.06 -7.56 -17.53
N ILE B 107 25.02 -8.23 -16.87
CA ILE B 107 25.82 -9.24 -17.54
C ILE B 107 24.91 -10.29 -18.18
N SER B 108 23.97 -10.81 -17.39
CA SER B 108 23.11 -11.89 -17.87
C SER B 108 22.16 -11.41 -18.94
N ALA B 109 21.82 -10.11 -18.93
CA ALA B 109 20.98 -9.52 -19.95
C ALA B 109 21.72 -9.34 -21.28
N GLY B 110 23.05 -9.43 -21.27
CA GLY B 110 23.85 -9.37 -22.48
C GLY B 110 24.01 -7.98 -23.06
N VAL B 111 23.98 -6.94 -22.21
CA VAL B 111 23.90 -5.57 -22.70
C VAL B 111 25.19 -4.79 -22.52
N LEU B 112 26.25 -5.37 -21.99
CA LEU B 112 27.40 -4.56 -21.58
C LEU B 112 28.50 -4.39 -22.63
N LYS B 113 28.41 -4.98 -23.81
CA LYS B 113 29.50 -4.87 -24.77
C LYS B 113 29.68 -3.41 -25.19
N GLY B 114 30.90 -2.91 -25.07
CA GLY B 114 31.25 -1.54 -25.41
C GLY B 114 30.79 -0.50 -24.43
N ARG B 115 30.27 -0.91 -23.29
CA ARG B 115 29.83 0.03 -22.27
C ARG B 115 30.94 0.25 -21.25
N LYS B 116 30.67 1.14 -20.30
CA LYS B 116 31.65 1.54 -19.31
C LYS B 116 30.95 1.73 -17.98
N GLY B 117 31.52 1.17 -16.92
CA GLY B 117 30.91 1.32 -15.63
C GLY B 117 31.76 0.78 -14.51
N THR B 118 31.13 0.71 -13.35
CA THR B 118 31.77 0.18 -12.16
C THR B 118 30.81 -0.77 -11.47
N SER B 119 31.30 -1.36 -10.38
CA SER B 119 30.64 -2.40 -9.60
C SER B 119 31.52 -2.64 -8.39
N THR B 120 31.12 -3.56 -7.53
CA THR B 120 32.11 -4.05 -6.58
C THR B 120 33.28 -4.62 -7.36
N ILE B 121 34.49 -4.35 -6.87
CA ILE B 121 35.67 -4.85 -7.55
C ILE B 121 35.70 -6.37 -7.59
N THR B 122 34.96 -7.03 -6.69
CA THR B 122 34.95 -8.48 -6.70
C THR B 122 34.28 -9.10 -7.92
N ILE B 123 33.58 -8.31 -8.77
CA ILE B 123 33.07 -8.79 -10.05
C ILE B 123 33.62 -7.99 -11.22
N ARG B 124 34.67 -7.20 -11.00
CA ARG B 124 35.31 -6.47 -12.10
C ARG B 124 35.59 -7.40 -13.28
N ASP B 125 36.20 -8.57 -13.01
CA ASP B 125 36.63 -9.40 -14.13
C ASP B 125 35.44 -9.93 -14.93
N ASP B 126 34.30 -10.11 -14.27
CA ASP B 126 33.09 -10.58 -14.94
C ASP B 126 32.48 -9.46 -15.78
N VAL B 127 32.52 -8.22 -15.27
CA VAL B 127 32.08 -7.08 -16.07
C VAL B 127 32.95 -6.92 -17.31
N VAL B 128 34.28 -7.08 -17.14
CA VAL B 128 35.19 -6.98 -18.28
C VAL B 128 34.94 -8.10 -19.29
N ASN B 129 34.70 -9.33 -18.80
CA ASN B 129 34.42 -10.44 -19.71
C ASN B 129 33.07 -10.30 -20.40
N ALA B 130 32.15 -9.51 -19.87
CA ALA B 130 30.92 -9.20 -20.56
C ALA B 130 31.08 -8.12 -21.60
N GLY B 131 32.29 -7.59 -21.76
CA GLY B 131 32.58 -6.65 -22.82
C GLY B 131 32.63 -5.18 -22.41
N ALA B 132 32.50 -4.86 -21.12
CA ALA B 132 32.52 -3.48 -20.68
C ALA B 132 33.91 -3.09 -20.18
N GLU B 133 34.17 -1.79 -20.21
CA GLU B 133 35.31 -1.24 -19.53
C GLU B 133 34.91 -1.03 -18.08
N TRP B 134 35.72 -1.52 -17.14
CA TRP B 134 35.48 -1.35 -15.71
C TRP B 134 36.45 -0.32 -15.16
N VAL B 135 35.95 0.63 -14.37
CA VAL B 135 36.78 1.65 -13.74
C VAL B 135 36.40 1.69 -12.26
N ASN B 136 37.36 2.11 -11.43
CA ASN B 136 37.16 2.17 -9.98
C ASN B 136 36.82 3.59 -9.58
N GLU B 137 35.54 3.93 -9.60
CA GLU B 137 35.09 5.28 -9.27
C GLU B 137 33.82 5.19 -8.45
N GLU B 138 33.57 6.20 -7.61
CA GLU B 138 32.38 6.19 -6.79
C GLU B 138 31.10 6.19 -7.60
N VAL B 139 31.12 6.83 -8.78
CA VAL B 139 29.98 6.78 -9.68
C VAL B 139 30.51 6.94 -11.11
N VAL B 140 29.91 6.19 -12.03
CA VAL B 140 30.18 6.33 -13.46
C VAL B 140 28.86 6.57 -14.15
N VAL B 141 28.87 7.48 -15.12
CA VAL B 141 27.69 7.78 -15.91
C VAL B 141 28.06 7.47 -17.36
N ASP B 142 27.49 6.42 -17.93
CA ASP B 142 27.76 5.96 -19.29
C ASP B 142 26.43 6.03 -20.02
N GLY B 143 26.11 7.20 -20.55
CA GLY B 143 24.80 7.37 -21.15
C GLY B 143 23.70 7.19 -20.14
N ASN B 144 22.85 6.18 -20.39
CA ASN B 144 21.73 5.87 -19.51
C ASN B 144 22.12 5.01 -18.33
N TRP B 145 23.37 4.51 -18.26
CA TRP B 145 23.78 3.59 -17.20
C TRP B 145 24.59 4.35 -16.16
N VAL B 146 24.03 4.46 -14.94
CA VAL B 146 24.68 5.10 -13.81
C VAL B 146 25.05 3.99 -12.83
N SER B 147 26.33 3.84 -12.54
CA SER B 147 26.81 2.70 -11.77
C SER B 147 27.70 3.15 -10.63
N SER B 148 27.60 2.44 -9.51
CA SER B 148 28.43 2.69 -8.32
C SER B 148 28.89 1.37 -7.71
N ARG B 149 29.72 1.44 -6.67
CA ARG B 149 30.39 0.24 -6.19
C ARG B 149 29.84 -0.37 -4.90
N HIS B 150 29.60 0.45 -3.89
CA HIS B 150 29.30 -0.06 -2.56
C HIS B 150 28.50 1.00 -1.82
N PRO B 151 27.96 0.65 -0.64
CA PRO B 151 27.03 1.59 0.03
C PRO B 151 27.60 2.96 0.28
N GLY B 152 28.89 3.08 0.54
CA GLY B 152 29.45 4.39 0.80
C GLY B 152 29.33 5.33 -0.37
N ASP B 153 29.03 4.80 -1.56
CA ASP B 153 28.86 5.61 -2.75
C ASP B 153 27.43 6.09 -2.94
N LEU B 154 26.52 5.77 -2.03
CA LEU B 154 25.10 6.02 -2.28
CA LEU B 154 25.10 6.02 -2.28
C LEU B 154 24.81 7.47 -2.63
N TYR B 155 25.44 8.43 -1.93
CA TYR B 155 25.12 9.85 -2.18
C TYR B 155 25.47 10.22 -3.61
N ALA B 156 26.59 9.71 -4.12
CA ALA B 156 27.04 10.06 -5.46
C ALA B 156 26.23 9.33 -6.52
N TRP B 157 25.92 8.07 -6.25
CA TRP B 157 25.05 7.27 -7.12
C TRP B 157 23.71 7.95 -7.34
N MET B 158 23.04 8.33 -6.26
CA MET B 158 21.74 8.95 -6.42
C MET B 158 21.84 10.40 -6.94
N ARG B 159 22.89 11.12 -6.56
CA ARG B 159 23.06 12.47 -7.11
C ARG B 159 23.06 12.41 -8.62
N GLU B 160 23.76 11.44 -9.20
CA GLU B 160 23.79 11.35 -10.65
C GLU B 160 22.51 10.73 -11.21
N PHE B 161 22.00 9.68 -10.57
CA PHE B 161 20.83 9.02 -11.14
C PHE B 161 19.60 9.92 -11.14
N VAL B 162 19.40 10.71 -10.08
CA VAL B 162 18.20 11.52 -10.04
C VAL B 162 18.22 12.55 -11.18
N LYS B 163 19.40 12.94 -11.68
CA LYS B 163 19.43 13.87 -12.81
C LYS B 163 18.77 13.27 -14.04
N LEU B 164 18.93 11.96 -14.24
CA LEU B 164 18.32 11.30 -15.39
CA LEU B 164 18.32 11.31 -15.40
C LEU B 164 16.81 11.16 -15.25
N LEU B 165 16.30 11.30 -14.04
CA LEU B 165 14.87 11.15 -13.81
C LEU B 165 14.12 12.47 -13.91
N LYS B 166 14.81 13.59 -14.03
CA LYS B 166 14.23 14.89 -14.34
C LYS B 166 12.98 15.39 -13.63
N MET C 1 -12.43 12.17 2.10
CA MET C 1 -12.71 11.63 3.45
C MET C 1 -11.85 10.41 3.68
N LYS C 2 -11.42 10.19 4.91
CA LYS C 2 -10.72 8.97 5.30
C LYS C 2 -11.69 8.14 6.15
N VAL C 3 -11.98 6.92 5.71
CA VAL C 3 -12.95 6.06 6.36
C VAL C 3 -12.22 4.92 7.07
N LEU C 4 -12.55 4.73 8.34
CA LEU C 4 -11.93 3.74 9.21
C LEU C 4 -12.84 2.54 9.36
N PHE C 5 -12.26 1.35 9.25
CA PHE C 5 -12.95 0.08 9.42
C PHE C 5 -12.29 -0.63 10.60
N LEU C 6 -13.09 -1.04 11.60
CA LEU C 6 -12.57 -1.81 12.73
C LEU C 6 -12.95 -3.27 12.55
N SER C 7 -11.96 -4.15 12.59
CA SER C 7 -12.25 -5.57 12.42
C SER C 7 -11.14 -6.40 13.06
N ALA C 8 -11.24 -7.71 12.86
CA ALA C 8 -10.31 -8.68 13.42
C ALA C 8 -10.54 -10.00 12.69
N ASP C 9 -9.76 -11.01 13.06
CA ASP C 9 -10.00 -12.34 12.50
C ASP C 9 -11.45 -12.73 12.75
N GLY C 10 -12.02 -13.47 11.80
CA GLY C 10 -13.38 -13.93 11.90
C GLY C 10 -14.40 -12.95 11.38
N PHE C 11 -13.97 -11.88 10.72
CA PHE C 11 -14.91 -10.97 10.11
C PHE C 11 -15.74 -11.68 9.05
N GLU C 12 -16.96 -11.20 8.85
CA GLU C 12 -17.78 -11.67 7.75
C GLU C 12 -17.21 -11.06 6.47
N ASP C 13 -16.73 -11.91 5.56
CA ASP C 13 -15.84 -11.45 4.51
C ASP C 13 -16.49 -10.38 3.63
N LEU C 14 -17.72 -10.62 3.17
CA LEU C 14 -18.38 -9.67 2.28
C LEU C 14 -18.66 -8.35 2.98
N GLU C 15 -18.94 -8.39 4.29
CA GLU C 15 -19.30 -7.17 5.01
C GLU C 15 -18.11 -6.25 5.24
N LEU C 16 -16.87 -6.78 5.21
CA LEU C 16 -15.67 -5.93 5.23
C LEU C 16 -15.23 -5.56 3.83
N ILE C 17 -15.13 -6.55 2.95
CA ILE C 17 -14.46 -6.34 1.67
C ILE C 17 -15.35 -5.55 0.70
N CYS C 18 -16.62 -5.89 0.60
CA CYS C 18 -17.42 -5.17 -0.39
C CYS C 18 -17.49 -3.68 -0.04
N PRO C 19 -17.72 -3.29 1.21
N PRO C 19 -17.71 -3.28 1.21
CA PRO C 19 -17.69 -1.85 1.54
CA PRO C 19 -17.70 -1.83 1.49
C PRO C 19 -16.34 -1.18 1.35
N LEU C 20 -15.23 -1.90 1.62
CA LEU C 20 -13.92 -1.32 1.36
C LEU C 20 -13.83 -0.87 -0.09
N HIS C 21 -14.24 -1.74 -1.01
CA HIS C 21 -14.19 -1.40 -2.43
C HIS C 21 -15.21 -0.33 -2.79
N ARG C 22 -16.41 -0.43 -2.22
CA ARG C 22 -17.45 0.52 -2.57
C ARG C 22 -17.03 1.92 -2.18
N ILE C 23 -16.43 2.06 -1.02
CA ILE C 23 -16.04 3.39 -0.54
C ILE C 23 -14.80 3.89 -1.29
N LYS C 24 -13.85 3.00 -1.63
CA LYS C 24 -12.72 3.43 -2.43
C LYS C 24 -13.15 3.81 -3.83
N GLU C 25 -14.19 3.14 -4.35
CA GLU C 25 -14.74 3.47 -5.66
C GLU C 25 -15.18 4.92 -5.72
N GLU C 26 -15.71 5.42 -4.59
CA GLU C 26 -16.20 6.80 -4.50
CA GLU C 26 -16.18 6.81 -4.53
C GLU C 26 -15.05 7.82 -4.48
N GLY C 27 -13.81 7.39 -4.31
CA GLY C 27 -12.69 8.30 -4.24
C GLY C 27 -12.16 8.56 -2.83
N HIS C 28 -12.75 7.94 -1.82
CA HIS C 28 -12.27 8.12 -0.46
C HIS C 28 -11.15 7.13 -0.16
N GLU C 29 -10.34 7.48 0.83
CA GLU C 29 -9.32 6.57 1.33
C GLU C 29 -9.95 5.72 2.43
N VAL C 30 -9.56 4.45 2.47
CA VAL C 30 -10.06 3.48 3.43
C VAL C 30 -8.90 2.89 4.22
N TYR C 31 -9.13 2.66 5.52
CA TYR C 31 -8.13 2.17 6.45
C TYR C 31 -8.73 1.07 7.30
N VAL C 32 -8.02 -0.05 7.42
CA VAL C 32 -8.45 -1.16 8.27
C VAL C 32 -7.60 -1.14 9.55
N ALA C 33 -8.26 -1.13 10.71
CA ALA C 33 -7.59 -1.15 12.01
C ALA C 33 -8.00 -2.43 12.73
N SER C 34 -7.03 -3.03 13.43
CA SER C 34 -7.29 -4.24 14.19
C SER C 34 -6.32 -4.28 15.38
N PHE C 35 -6.17 -5.47 15.98
CA PHE C 35 -5.32 -5.62 17.16
C PHE C 35 -3.86 -5.35 16.83
N GLU C 36 -3.39 -5.81 15.69
CA GLU C 36 -2.01 -5.60 15.29
C GLU C 36 -2.00 -5.41 13.80
N ARG C 37 -0.94 -4.77 13.31
CA ARG C 37 -0.68 -4.74 11.89
C ARG C 37 -0.41 -6.15 11.38
N GLY C 38 -0.55 -6.33 10.07
CA GLY C 38 -0.42 -7.63 9.45
C GLY C 38 -1.66 -7.94 8.62
N LYS C 39 -2.12 -9.17 8.77
CA LYS C 39 -3.28 -9.65 8.03
C LYS C 39 -4.32 -10.18 9.00
N ILE C 40 -5.59 -10.07 8.61
CA ILE C 40 -6.69 -10.73 9.29
C ILE C 40 -7.42 -11.58 8.27
N THR C 41 -8.03 -12.66 8.75
CA THR C 41 -8.67 -13.65 7.91
C THR C 41 -10.14 -13.78 8.26
N GLY C 42 -11.00 -13.82 7.22
CA GLY C 42 -12.43 -13.86 7.44
C GLY C 42 -12.94 -15.26 7.69
N LYS C 43 -14.21 -15.32 8.09
CA LYS C 43 -14.88 -16.61 8.26
C LYS C 43 -14.75 -17.48 7.02
N HIS C 44 -14.80 -16.88 5.83
CA HIS C 44 -14.73 -17.62 4.58
C HIS C 44 -13.35 -17.61 3.98
N GLY C 45 -12.34 -17.21 4.73
CA GLY C 45 -10.97 -17.43 4.35
C GLY C 45 -10.29 -16.33 3.56
N TYR C 46 -10.99 -15.25 3.24
CA TYR C 46 -10.30 -14.15 2.58
C TYR C 46 -9.42 -13.42 3.58
N SER C 47 -8.29 -12.92 3.09
CA SER C 47 -7.31 -12.21 3.89
C SER C 47 -7.33 -10.74 3.52
N VAL C 48 -7.23 -9.88 4.54
CA VAL C 48 -7.26 -8.44 4.39
C VAL C 48 -6.11 -7.85 5.19
N ASN C 49 -5.39 -6.90 4.59
CA ASN C 49 -4.27 -6.27 5.27
CA ASN C 49 -4.27 -6.27 5.26
C ASN C 49 -4.76 -5.26 6.29
N VAL C 50 -4.13 -5.26 7.45
CA VAL C 50 -4.44 -4.33 8.53
C VAL C 50 -3.46 -3.18 8.41
N ASP C 51 -3.99 -1.98 8.23
CA ASP C 51 -3.14 -0.82 8.06
C ASP C 51 -2.63 -0.27 9.38
N LEU C 52 -3.41 -0.42 10.47
CA LEU C 52 -3.11 0.26 11.71
C LEU C 52 -3.56 -0.62 12.87
N ALA C 53 -2.78 -0.67 13.94
CA ALA C 53 -3.33 -1.19 15.19
C ALA C 53 -4.23 -0.15 15.85
N PHE C 54 -5.18 -0.63 16.64
CA PHE C 54 -6.10 0.29 17.31
C PHE C 54 -5.34 1.37 18.07
N GLU C 55 -4.26 0.99 18.75
CA GLU C 55 -3.53 1.91 19.64
C GLU C 55 -2.90 3.06 18.85
N GLU C 56 -2.79 2.92 17.53
CA GLU C 56 -2.26 3.97 16.69
C GLU C 56 -3.33 4.91 16.18
N VAL C 57 -4.61 4.61 16.36
CA VAL C 57 -5.68 5.42 15.80
C VAL C 57 -6.10 6.50 16.80
N GLY C 58 -6.24 7.72 16.34
CA GLY C 58 -6.79 8.78 17.18
C GLY C 58 -8.31 8.85 17.16
N PRO C 59 -8.92 9.13 18.31
CA PRO C 59 -10.40 9.17 18.34
C PRO C 59 -11.01 10.18 17.39
N ASP C 60 -10.27 11.22 16.99
CA ASP C 60 -10.75 12.22 16.04
C ASP C 60 -10.05 12.14 14.69
N GLU C 61 -9.30 11.07 14.42
CA GLU C 61 -8.40 11.05 13.27
C GLU C 61 -9.10 10.82 11.94
N PHE C 62 -10.21 10.08 11.91
CA PHE C 62 -10.88 9.67 10.69
C PHE C 62 -12.25 10.33 10.61
N ASP C 63 -12.82 10.31 9.41
CA ASP C 63 -14.04 11.06 9.12
C ASP C 63 -15.32 10.23 9.18
N ALA C 64 -15.18 8.90 9.13
CA ALA C 64 -16.32 8.00 9.14
C ALA C 64 -15.82 6.65 9.61
N LEU C 65 -16.76 5.82 10.09
CA LEU C 65 -16.43 4.55 10.72
C LEU C 65 -17.36 3.47 10.18
N VAL C 66 -16.79 2.31 9.88
CA VAL C 66 -17.53 1.14 9.44
C VAL C 66 -17.22 -0.02 10.37
N LEU C 67 -18.28 -0.70 10.83
CA LEU C 67 -18.25 -1.78 11.80
C LEU C 67 -18.87 -3.00 11.15
N PRO C 68 -18.08 -3.78 10.41
CA PRO C 68 -18.58 -5.01 9.79
C PRO C 68 -18.89 -6.05 10.85
N GLY C 69 -19.54 -7.12 10.43
CA GLY C 69 -19.94 -8.19 11.33
C GLY C 69 -19.03 -9.40 11.32
N GLY C 70 -19.62 -10.55 11.54
CA GLY C 70 -18.87 -11.77 11.79
C GLY C 70 -18.66 -12.00 13.27
N ARG C 71 -17.63 -12.79 13.56
CA ARG C 71 -17.21 -13.06 14.93
C ARG C 71 -16.25 -12.00 15.45
N ALA C 72 -15.77 -11.12 14.57
CA ALA C 72 -14.81 -10.12 15.01
C ALA C 72 -15.35 -9.11 16.01
N PRO C 73 -16.58 -8.62 15.92
CA PRO C 73 -17.01 -7.61 16.90
C PRO C 73 -16.95 -8.10 18.33
N GLU C 74 -17.15 -9.40 18.56
CA GLU C 74 -17.16 -9.92 19.93
CA GLU C 74 -17.16 -9.86 19.94
C GLU C 74 -15.79 -9.75 20.58
N ILE C 75 -14.71 -9.79 19.80
CA ILE C 75 -13.39 -9.52 20.38
C ILE C 75 -12.98 -8.04 20.25
N VAL C 76 -13.38 -7.37 19.18
CA VAL C 76 -13.05 -5.95 19.06
C VAL C 76 -13.63 -5.15 20.22
N ARG C 77 -14.81 -5.51 20.65
CA ARG C 77 -15.52 -4.80 21.71
C ARG C 77 -14.82 -4.91 23.06
N LEU C 78 -13.81 -5.77 23.19
CA LEU C 78 -13.07 -5.89 24.43
C LEU C 78 -11.87 -4.96 24.48
N ASN C 79 -11.51 -4.37 23.35
CA ASN C 79 -10.35 -3.50 23.28
C ASN C 79 -10.80 -2.09 23.65
N GLU C 80 -10.19 -1.55 24.70
CA GLU C 80 -10.65 -0.28 25.24
C GLU C 80 -10.44 0.86 24.26
N LYS C 81 -9.35 0.82 23.50
CA LYS C 81 -9.13 1.88 22.52
C LYS C 81 -10.15 1.81 21.39
N ALA C 82 -10.45 0.60 20.87
CA ALA C 82 -11.45 0.51 19.82
C ALA C 82 -12.80 1.08 20.28
N ILE C 83 -13.18 0.81 21.53
CA ILE C 83 -14.44 1.30 22.08
C ILE C 83 -14.39 2.81 22.22
N GLU C 84 -13.24 3.33 22.63
CA GLU C 84 -13.10 4.77 22.81
C GLU C 84 -13.21 5.49 21.48
N ILE C 85 -12.54 4.95 20.45
CA ILE C 85 -12.62 5.51 19.10
C ILE C 85 -14.06 5.54 18.63
N THR C 86 -14.76 4.40 18.76
CA THR C 86 -16.14 4.30 18.30
C THR C 86 -17.03 5.29 19.04
N ARG C 87 -16.88 5.39 20.36
CA ARG C 87 -17.73 6.30 21.12
C ARG C 87 -17.52 7.73 20.66
N LYS C 88 -16.26 8.13 20.50
CA LYS C 88 -15.97 9.51 20.12
C LYS C 88 -16.55 9.82 18.74
N MET C 89 -16.34 8.92 17.77
CA MET C 89 -16.79 9.19 16.40
C MET C 89 -18.31 9.17 16.31
N PHE C 90 -18.95 8.23 16.99
CA PHE C 90 -20.41 8.15 16.95
C PHE C 90 -21.03 9.37 17.62
N GLU C 91 -20.55 9.74 18.82
CA GLU C 91 -21.09 10.91 19.50
CA GLU C 91 -21.09 10.92 19.50
C GLU C 91 -20.78 12.19 18.74
N ALA C 92 -19.71 12.20 17.94
CA ALA C 92 -19.32 13.38 17.18
C ALA C 92 -20.21 13.58 15.97
N GLY C 93 -21.09 12.63 15.69
CA GLY C 93 -21.97 12.77 14.56
C GLY C 93 -21.37 12.39 13.24
N LYS C 94 -20.20 11.76 13.26
CA LYS C 94 -19.59 11.26 12.03
C LYS C 94 -20.37 10.03 11.54
N PRO C 95 -20.40 9.82 10.24
CA PRO C 95 -21.11 8.65 9.72
C PRO C 95 -20.55 7.38 10.30
N VAL C 96 -21.44 6.55 10.84
CA VAL C 96 -21.09 5.22 11.36
C VAL C 96 -22.00 4.19 10.71
N ALA C 97 -21.41 3.20 10.07
CA ALA C 97 -22.16 2.15 9.42
C ALA C 97 -21.91 0.85 10.18
N SER C 98 -22.97 0.14 10.53
CA SER C 98 -22.83 -1.17 11.14
C SER C 98 -23.69 -2.20 10.43
N ILE C 99 -23.25 -3.46 10.46
CA ILE C 99 -24.07 -4.53 9.94
C ILE C 99 -23.90 -5.76 10.83
N OCS C 100 -24.95 -6.59 10.94
CA OCS C 100 -24.86 -7.93 11.56
CB OCS C 100 -23.90 -8.74 10.69
SG OCS C 100 -23.77 -10.48 10.98
C OCS C 100 -24.47 -7.82 13.05
O OCS C 100 -25.23 -7.25 13.81
OD1 OCS C 100 -23.51 -11.07 9.66
OD2 OCS C 100 -22.59 -10.75 11.81
OD3 OCS C 100 -25.02 -10.91 11.52
HA OCS C 100 -25.71 -8.42 11.58
HB2 OCS C 100 -23.01 -8.38 10.80
HB3 OCS C 100 -24.18 -8.64 9.76
N HIS C 101 -23.30 -8.35 13.44
CA HIS C 101 -22.83 -8.24 14.82
C HIS C 101 -22.09 -6.94 15.13
N GLY C 102 -21.87 -6.10 14.10
CA GLY C 102 -21.16 -4.86 14.29
C GLY C 102 -21.63 -4.03 15.48
N PRO C 103 -22.94 -3.95 15.73
CA PRO C 103 -23.40 -3.17 16.89
C PRO C 103 -22.93 -3.67 18.24
N GLN C 104 -22.37 -4.87 18.35
CA GLN C 104 -21.77 -5.25 19.63
C GLN C 104 -20.73 -4.24 20.07
N ILE C 105 -20.02 -3.65 19.11
CA ILE C 105 -19.03 -2.63 19.45
C ILE C 105 -19.70 -1.37 19.96
N LEU C 106 -20.81 -0.97 19.31
CA LEU C 106 -21.59 0.19 19.75
C LEU C 106 -22.17 -0.03 21.15
N ILE C 107 -22.66 -1.23 21.42
CA ILE C 107 -23.15 -1.56 22.76
C ILE C 107 -22.05 -1.24 23.78
N SER C 108 -20.85 -1.78 23.53
CA SER C 108 -19.75 -1.65 24.48
C SER C 108 -19.24 -0.24 24.57
N ALA C 109 -19.43 0.56 23.52
CA ALA C 109 -19.06 1.96 23.54
C ALA C 109 -20.06 2.81 24.31
N GLY C 110 -21.22 2.26 24.66
CA GLY C 110 -22.19 2.95 25.49
C GLY C 110 -22.94 4.06 24.80
N VAL C 111 -23.15 3.95 23.49
CA VAL C 111 -23.71 5.06 22.70
C VAL C 111 -25.14 4.83 22.26
N LEU C 112 -25.75 3.69 22.57
CA LEU C 112 -27.02 3.35 21.92
C LEU C 112 -28.25 3.83 22.68
N LYS C 113 -28.13 4.34 23.89
CA LYS C 113 -29.33 4.74 24.62
C LYS C 113 -30.06 5.82 23.82
N GLY C 114 -31.34 5.59 23.54
CA GLY C 114 -32.15 6.56 22.84
C GLY C 114 -31.99 6.54 21.35
N ARG C 115 -31.25 5.58 20.80
CA ARG C 115 -31.05 5.51 19.35
C ARG C 115 -31.94 4.43 18.76
N LYS C 116 -31.83 4.25 17.44
CA LYS C 116 -32.71 3.34 16.71
C LYS C 116 -31.92 2.72 15.57
N GLY C 117 -31.98 1.40 15.47
CA GLY C 117 -31.30 0.73 14.39
C GLY C 117 -31.65 -0.73 14.32
N THR C 118 -30.84 -1.45 13.57
CA THR C 118 -31.01 -2.87 13.41
C THR C 118 -29.66 -3.56 13.53
N SER C 119 -29.70 -4.88 13.39
CA SER C 119 -28.55 -5.76 13.55
C SER C 119 -29.02 -7.15 13.16
N THR C 120 -28.11 -8.13 13.23
CA THR C 120 -28.63 -9.47 13.17
C THR C 120 -29.63 -9.65 14.31
N ILE C 121 -30.73 -10.35 14.02
CA ILE C 121 -31.74 -10.55 15.04
C ILE C 121 -31.19 -11.36 16.22
N THR C 122 -30.09 -12.09 16.02
CA THR C 122 -29.51 -12.85 17.12
C THR C 122 -28.93 -11.98 18.22
N ILE C 123 -28.79 -10.67 18.03
CA ILE C 123 -28.42 -9.77 19.11
C ILE C 123 -29.46 -8.67 19.36
N ARG C 124 -30.65 -8.81 18.80
CA ARG C 124 -31.71 -7.83 19.06
C ARG C 124 -31.85 -7.54 20.55
N ASP C 125 -31.92 -8.60 21.38
CA ASP C 125 -32.19 -8.38 22.79
C ASP C 125 -31.06 -7.62 23.48
N ASP C 126 -29.83 -7.77 22.99
CA ASP C 126 -28.69 -7.05 23.55
C ASP C 126 -28.70 -5.59 23.10
N VAL C 127 -29.11 -5.32 21.86
CA VAL C 127 -29.27 -3.95 21.40
C VAL C 127 -30.37 -3.24 22.20
N VAL C 128 -31.48 -3.94 22.45
CA VAL C 128 -32.57 -3.36 23.24
C VAL C 128 -32.10 -3.10 24.66
N ASN C 129 -31.36 -4.05 25.26
CA ASN C 129 -30.91 -3.85 26.63
C ASN C 129 -29.87 -2.74 26.75
N ALA C 130 -29.24 -2.36 25.64
CA ALA C 130 -28.32 -1.23 25.59
C ALA C 130 -29.07 0.10 25.47
N GLY C 131 -30.40 0.05 25.33
CA GLY C 131 -31.20 1.26 25.32
C GLY C 131 -31.69 1.71 23.97
N ALA C 132 -31.41 0.98 22.90
CA ALA C 132 -31.86 1.38 21.58
C ALA C 132 -33.20 0.73 21.26
N GLU C 133 -33.91 1.34 20.31
CA GLU C 133 -35.04 0.71 19.67
C GLU C 133 -34.49 -0.15 18.54
N TRP C 134 -34.89 -1.42 18.49
CA TRP C 134 -34.47 -2.34 17.45
C TRP C 134 -35.63 -2.58 16.50
N VAL C 135 -35.35 -2.53 15.19
CA VAL C 135 -36.35 -2.81 14.18
C VAL C 135 -35.77 -3.76 13.15
N ASN C 136 -36.66 -4.52 12.51
CA ASN C 136 -36.28 -5.52 11.51
C ASN C 136 -36.45 -4.92 10.12
N GLU C 137 -35.41 -4.23 9.65
N GLU C 137 -35.40 -4.27 9.64
CA GLU C 137 -35.41 -3.59 8.35
CA GLU C 137 -35.42 -3.63 8.32
C GLU C 137 -34.08 -3.86 7.66
C GLU C 137 -34.07 -3.82 7.66
N GLU C 138 -34.08 -3.86 6.32
CA GLU C 138 -32.83 -4.08 5.60
C GLU C 138 -31.83 -2.97 5.84
N VAL C 139 -32.29 -1.74 6.09
CA VAL C 139 -31.40 -0.66 6.47
C VAL C 139 -32.20 0.33 7.30
N VAL C 140 -31.55 0.88 8.32
CA VAL C 140 -32.12 1.93 9.16
C VAL C 140 -31.15 3.09 9.12
N VAL C 141 -31.66 4.33 8.97
CA VAL C 141 -30.84 5.53 9.02
C VAL C 141 -31.34 6.32 10.21
N ASP C 142 -30.52 6.40 11.26
CA ASP C 142 -30.82 7.12 12.50
C ASP C 142 -29.77 8.22 12.61
N GLY C 143 -30.00 9.32 11.93
CA GLY C 143 -29.02 10.38 11.92
C GLY C 143 -27.73 9.93 11.26
N ASN C 144 -26.65 9.89 12.01
CA ASN C 144 -25.37 9.46 11.46
C ASN C 144 -25.17 7.95 11.49
N TRP C 145 -26.08 7.20 12.11
CA TRP C 145 -25.91 5.76 12.27
C TRP C 145 -26.73 5.03 11.21
N VAL C 146 -26.05 4.37 10.29
CA VAL C 146 -26.70 3.59 9.24
C VAL C 146 -26.45 2.12 9.55
N SER C 147 -27.52 1.36 9.76
CA SER C 147 -27.41 -0.01 10.23
C SER C 147 -28.17 -0.99 9.36
N SER C 148 -27.61 -2.19 9.21
CA SER C 148 -28.23 -3.27 8.43
C SER C 148 -28.03 -4.59 9.16
N ARG C 149 -28.61 -5.66 8.63
CA ARG C 149 -28.70 -6.90 9.42
C ARG C 149 -27.75 -8.00 8.98
N HIS C 150 -27.61 -8.24 7.69
CA HIS C 150 -26.93 -9.44 7.21
C HIS C 150 -26.46 -9.17 5.79
N PRO C 151 -25.63 -10.07 5.23
CA PRO C 151 -24.99 -9.77 3.94
C PRO C 151 -25.96 -9.45 2.82
N GLY C 152 -27.14 -10.08 2.81
CA GLY C 152 -28.10 -9.77 1.78
C GLY C 152 -28.55 -8.32 1.75
N ASP C 153 -28.30 -7.58 2.82
CA ASP C 153 -28.67 -6.17 2.91
C ASP C 153 -27.58 -5.24 2.38
N LEU C 154 -26.45 -5.77 1.93
CA LEU C 154 -25.31 -4.92 1.60
C LEU C 154 -25.68 -3.78 0.66
N TYR C 155 -26.48 -4.07 -0.38
CA TYR C 155 -26.78 -3.04 -1.37
C TYR C 155 -27.47 -1.85 -0.72
N ALA C 156 -28.39 -2.11 0.20
CA ALA C 156 -29.17 -1.05 0.82
C ALA C 156 -28.35 -0.34 1.89
N TRP C 157 -27.53 -1.11 2.61
CA TRP C 157 -26.60 -0.55 3.59
C TRP C 157 -25.70 0.47 2.94
N MET C 158 -25.05 0.10 1.84
CA MET C 158 -24.13 1.02 1.18
C MET C 158 -24.88 2.13 0.47
N ARG C 159 -26.04 1.83 -0.11
CA ARG C 159 -26.81 2.87 -0.77
C ARG C 159 -27.02 4.03 0.20
N GLU C 160 -27.40 3.70 1.45
CA GLU C 160 -27.68 4.75 2.43
C GLU C 160 -26.40 5.34 3.01
N PHE C 161 -25.39 4.52 3.23
CA PHE C 161 -24.19 5.05 3.86
C PHE C 161 -23.44 6.00 2.93
N VAL C 162 -23.37 5.69 1.63
CA VAL C 162 -22.69 6.55 0.66
C VAL C 162 -23.29 7.95 0.67
N LYS C 163 -24.57 8.06 0.96
CA LYS C 163 -25.16 9.40 0.96
C LYS C 163 -24.59 10.26 2.07
N LEU C 164 -24.20 9.66 3.20
CA LEU C 164 -23.64 10.43 4.31
C LEU C 164 -22.19 10.80 4.10
N LEU C 165 -21.53 10.17 3.13
CA LEU C 165 -20.14 10.46 2.85
C LEU C 165 -20.00 11.53 1.78
N LYS C 166 -21.12 12.03 1.27
CA LYS C 166 -21.16 13.15 0.35
C LYS C 166 -20.79 14.44 1.05
N MET D 1 -32.64 -0.37 -15.28
CA MET D 1 -32.30 -1.46 -16.25
C MET D 1 -32.09 -2.78 -15.55
N LYS D 2 -32.01 -3.84 -16.34
CA LYS D 2 -31.85 -5.19 -15.83
C LYS D 2 -30.45 -5.69 -16.22
N VAL D 3 -29.69 -6.12 -15.22
CA VAL D 3 -28.32 -6.54 -15.42
C VAL D 3 -28.21 -8.04 -15.16
N LEU D 4 -27.62 -8.75 -16.11
CA LEU D 4 -27.53 -10.20 -16.09
C LEU D 4 -26.11 -10.60 -15.71
N PHE D 5 -25.99 -11.56 -14.79
CA PHE D 5 -24.73 -12.14 -14.36
C PHE D 5 -24.73 -13.61 -14.78
N LEU D 6 -23.67 -14.05 -15.45
CA LEU D 6 -23.56 -15.47 -15.80
C LEU D 6 -22.52 -16.12 -14.90
N SER D 7 -22.89 -17.21 -14.24
CA SER D 7 -21.96 -17.86 -13.32
C SER D 7 -22.35 -19.32 -13.13
N ALA D 8 -21.67 -19.99 -12.20
CA ALA D 8 -21.88 -21.40 -11.90
C ALA D 8 -21.11 -21.70 -10.63
N ASP D 9 -21.20 -22.94 -10.16
CA ASP D 9 -20.37 -23.33 -9.02
C ASP D 9 -18.89 -22.99 -9.28
N GLY D 10 -18.22 -22.56 -8.22
CA GLY D 10 -16.82 -22.24 -8.27
C GLY D 10 -16.52 -20.81 -8.65
N PHE D 11 -17.54 -19.97 -8.68
CA PHE D 11 -17.32 -18.55 -8.91
C PHE D 11 -16.42 -17.97 -7.83
N GLU D 12 -15.67 -16.95 -8.21
CA GLU D 12 -14.91 -16.17 -7.24
C GLU D 12 -15.92 -15.32 -6.45
N ASP D 13 -16.04 -15.58 -5.15
CA ASP D 13 -17.22 -15.13 -4.42
C ASP D 13 -17.37 -13.62 -4.47
N LEU D 14 -16.29 -12.89 -4.22
CA LEU D 14 -16.41 -11.44 -4.20
C LEU D 14 -16.70 -10.86 -5.58
N GLU D 15 -16.19 -11.50 -6.62
CA GLU D 15 -16.36 -10.99 -7.96
C GLU D 15 -17.78 -11.14 -8.47
N LEU D 16 -18.55 -12.07 -7.89
CA LEU D 16 -19.99 -12.10 -8.15
C LEU D 16 -20.76 -11.24 -7.15
N ILE D 17 -20.50 -11.41 -5.86
CA ILE D 17 -21.38 -10.85 -4.85
C ILE D 17 -21.22 -9.35 -4.73
N CYS D 18 -19.98 -8.86 -4.69
CA CYS D 18 -19.85 -7.40 -4.54
C CYS D 18 -20.50 -6.64 -5.69
N PRO D 19 -20.31 -7.00 -6.96
CA PRO D 19 -21.02 -6.29 -8.04
C PRO D 19 -22.52 -6.50 -8.05
N LEU D 20 -23.02 -7.68 -7.63
CA LEU D 20 -24.47 -7.83 -7.51
C LEU D 20 -25.02 -6.73 -6.61
N HIS D 21 -24.37 -6.52 -5.47
CA HIS D 21 -24.86 -5.50 -4.55
C HIS D 21 -24.58 -4.10 -5.07
N ARG D 22 -23.43 -3.88 -5.70
CA ARG D 22 -23.15 -2.54 -6.20
C ARG D 22 -24.20 -2.11 -7.21
N ILE D 23 -24.57 -3.00 -8.11
CA ILE D 23 -25.50 -2.66 -9.18
C ILE D 23 -26.92 -2.56 -8.64
N LYS D 24 -27.28 -3.40 -7.68
CA LYS D 24 -28.59 -3.24 -7.04
C LYS D 24 -28.67 -1.94 -6.25
N GLU D 25 -27.56 -1.49 -5.67
CA GLU D 25 -27.52 -0.23 -4.93
C GLU D 25 -27.95 0.93 -5.80
N GLU D 26 -27.73 0.83 -7.11
CA GLU D 26 -28.11 1.89 -8.04
C GLU D 26 -29.59 1.91 -8.35
N GLY D 27 -30.31 0.90 -7.90
CA GLY D 27 -31.69 0.72 -8.23
C GLY D 27 -31.94 -0.15 -9.44
N HIS D 28 -30.91 -0.68 -10.05
CA HIS D 28 -31.10 -1.61 -11.15
C HIS D 28 -31.48 -2.98 -10.59
N GLU D 29 -32.18 -3.76 -11.39
CA GLU D 29 -32.51 -5.14 -11.08
C GLU D 29 -31.38 -6.02 -11.57
N VAL D 30 -31.05 -7.03 -10.76
CA VAL D 30 -29.92 -7.92 -11.02
C VAL D 30 -30.45 -9.35 -11.08
N TYR D 31 -29.90 -10.13 -12.01
CA TYR D 31 -30.33 -11.50 -12.22
C TYR D 31 -29.11 -12.36 -12.41
N VAL D 32 -29.07 -13.50 -11.73
CA VAL D 32 -28.00 -14.48 -11.89
C VAL D 32 -28.55 -15.63 -12.72
N ALA D 33 -27.86 -15.98 -13.79
CA ALA D 33 -28.24 -17.13 -14.60
C ALA D 33 -27.14 -18.15 -14.54
N SER D 34 -27.54 -19.42 -14.53
CA SER D 34 -26.59 -20.52 -14.53
C SER D 34 -27.20 -21.71 -15.25
N PHE D 35 -26.60 -22.90 -15.05
CA PHE D 35 -27.07 -24.10 -15.74
C PHE D 35 -28.50 -24.42 -15.35
N GLU D 36 -28.84 -24.24 -14.08
CA GLU D 36 -30.17 -24.53 -13.60
C GLU D 36 -30.45 -23.62 -12.41
N ARG D 37 -31.73 -23.48 -12.11
CA ARG D 37 -32.15 -22.78 -10.92
C ARG D 37 -31.72 -23.55 -9.69
N GLY D 38 -31.63 -22.83 -8.59
CA GLY D 38 -31.13 -23.40 -7.37
C GLY D 38 -30.06 -22.50 -6.82
N LYS D 39 -29.10 -23.07 -6.11
CA LYS D 39 -27.99 -22.32 -5.56
C LYS D 39 -26.71 -22.76 -6.26
N ILE D 40 -25.80 -21.82 -6.39
CA ILE D 40 -24.43 -22.06 -6.78
C ILE D 40 -23.54 -21.62 -5.62
N THR D 41 -22.41 -22.29 -5.50
CA THR D 41 -21.53 -22.11 -4.37
C THR D 41 -20.17 -21.66 -4.85
N GLY D 42 -19.65 -20.64 -4.23
CA GLY D 42 -18.39 -20.08 -4.62
C GLY D 42 -17.20 -20.88 -4.11
N LYS D 43 -16.04 -20.51 -4.65
CA LYS D 43 -14.77 -21.06 -4.19
C LYS D 43 -14.60 -20.96 -2.69
N HIS D 44 -15.05 -19.85 -2.10
CA HIS D 44 -14.92 -19.65 -0.66
C HIS D 44 -16.19 -19.99 0.10
N GLY D 45 -17.15 -20.67 -0.52
CA GLY D 45 -18.25 -21.22 0.21
C GLY D 45 -19.52 -20.40 0.31
N TYR D 46 -19.58 -19.19 -0.25
CA TYR D 46 -20.83 -18.47 -0.23
C TYR D 46 -21.80 -19.06 -1.24
N SER D 47 -23.10 -19.02 -0.90
CA SER D 47 -24.15 -19.48 -1.78
C SER D 47 -24.94 -18.32 -2.37
N VAL D 48 -25.21 -18.40 -3.66
CA VAL D 48 -26.00 -17.41 -4.37
C VAL D 48 -27.14 -18.13 -5.07
N ASN D 49 -28.33 -17.55 -4.97
CA ASN D 49 -29.47 -18.06 -5.70
C ASN D 49 -29.36 -17.78 -7.19
N VAL D 50 -29.70 -18.78 -7.97
CA VAL D 50 -29.75 -18.64 -9.42
C VAL D 50 -31.17 -18.30 -9.78
N ASP D 51 -31.35 -17.16 -10.42
CA ASP D 51 -32.66 -16.69 -10.83
C ASP D 51 -33.18 -17.35 -12.10
N LEU D 52 -32.31 -17.70 -13.05
CA LEU D 52 -32.75 -18.23 -14.33
C LEU D 52 -31.74 -19.27 -14.83
N ALA D 53 -32.25 -20.30 -15.51
CA ALA D 53 -31.36 -21.14 -16.31
C ALA D 53 -31.02 -20.40 -17.60
N PHE D 54 -29.85 -20.71 -18.15
CA PHE D 54 -29.45 -20.05 -19.38
C PHE D 54 -30.56 -20.15 -20.42
N GLU D 55 -31.21 -21.30 -20.51
CA GLU D 55 -32.22 -21.48 -21.56
C GLU D 55 -33.41 -20.56 -21.36
N GLU D 56 -33.62 -20.02 -20.15
CA GLU D 56 -34.73 -19.10 -19.95
C GLU D 56 -34.38 -17.67 -20.36
N VAL D 57 -33.13 -17.40 -20.69
CA VAL D 57 -32.67 -16.05 -20.94
C VAL D 57 -32.73 -15.79 -22.43
N GLY D 58 -33.42 -14.71 -22.81
CA GLY D 58 -33.35 -14.20 -24.16
C GLY D 58 -32.08 -13.42 -24.42
N PRO D 59 -31.41 -13.64 -25.56
CA PRO D 59 -30.18 -12.89 -25.81
C PRO D 59 -30.39 -11.38 -25.86
N ASP D 60 -31.62 -10.92 -26.12
CA ASP D 60 -31.94 -9.49 -26.13
C ASP D 60 -32.71 -9.06 -24.87
N GLU D 61 -32.85 -9.93 -23.88
CA GLU D 61 -33.74 -9.65 -22.77
C GLU D 61 -33.14 -8.66 -21.78
N PHE D 62 -31.84 -8.64 -21.61
CA PHE D 62 -31.21 -7.86 -20.55
C PHE D 62 -30.41 -6.70 -21.13
N ASP D 63 -30.10 -5.74 -20.27
CA ASP D 63 -29.50 -4.48 -20.72
C ASP D 63 -28.00 -4.41 -20.53
N ALA D 64 -27.44 -5.28 -19.70
CA ALA D 64 -26.02 -5.27 -19.44
C ALA D 64 -25.66 -6.64 -18.90
N LEU D 65 -24.39 -6.98 -19.00
CA LEU D 65 -23.89 -8.31 -18.71
C LEU D 65 -22.66 -8.22 -17.82
N VAL D 66 -22.60 -9.11 -16.82
CA VAL D 66 -21.43 -9.20 -15.94
C VAL D 66 -20.94 -10.65 -15.92
N LEU D 67 -19.63 -10.82 -16.13
CA LEU D 67 -18.96 -12.11 -16.20
C LEU D 67 -17.91 -12.18 -15.11
N PRO D 68 -18.29 -12.64 -13.92
CA PRO D 68 -17.31 -12.80 -12.84
C PRO D 68 -16.36 -13.94 -13.16
N GLY D 69 -15.33 -14.07 -12.33
CA GLY D 69 -14.30 -15.06 -12.47
C GLY D 69 -14.46 -16.28 -11.58
N GLY D 70 -13.32 -16.89 -11.28
CA GLY D 70 -13.27 -18.16 -10.57
C GLY D 70 -13.11 -19.30 -11.55
N ARG D 71 -13.53 -20.49 -11.11
CA ARG D 71 -13.58 -21.68 -11.96
C ARG D 71 -14.84 -21.76 -12.80
N ALA D 72 -15.81 -20.91 -12.51
CA ALA D 72 -17.10 -20.98 -13.20
C ALA D 72 -16.99 -20.69 -14.68
N PRO D 73 -16.20 -19.72 -15.15
CA PRO D 73 -16.19 -19.47 -16.60
C PRO D 73 -15.77 -20.67 -17.42
N GLU D 74 -14.91 -21.52 -16.89
CA GLU D 74 -14.45 -22.66 -17.67
C GLU D 74 -15.57 -23.64 -17.96
N ILE D 75 -16.60 -23.69 -17.12
CA ILE D 75 -17.76 -24.53 -17.44
C ILE D 75 -18.87 -23.75 -18.15
N VAL D 76 -19.10 -22.50 -17.76
CA VAL D 76 -20.12 -21.69 -18.43
C VAL D 76 -19.82 -21.61 -19.92
N ARG D 77 -18.54 -21.51 -20.28
CA ARG D 77 -18.12 -21.36 -21.68
C ARG D 77 -18.52 -22.55 -22.55
N LEU D 78 -18.92 -23.66 -21.95
CA LEU D 78 -19.32 -24.87 -22.66
C LEU D 78 -20.80 -24.88 -23.00
N ASN D 79 -21.58 -23.95 -22.44
CA ASN D 79 -23.01 -23.93 -22.65
C ASN D 79 -23.34 -23.06 -23.85
N GLU D 80 -23.94 -23.68 -24.89
CA GLU D 80 -24.18 -22.95 -26.13
C GLU D 80 -25.05 -21.73 -25.89
N LYS D 81 -26.07 -21.86 -25.04
CA LYS D 81 -26.95 -20.72 -24.82
C LYS D 81 -26.21 -19.60 -24.09
N ALA D 82 -25.43 -19.92 -23.06
CA ALA D 82 -24.65 -18.90 -22.37
C ALA D 82 -23.74 -18.13 -23.34
N ILE D 83 -23.08 -18.85 -24.24
CA ILE D 83 -22.18 -18.22 -25.22
CA ILE D 83 -22.18 -18.13 -25.15
C ILE D 83 -22.95 -17.37 -26.22
N GLU D 84 -24.15 -17.84 -26.61
CA GLU D 84 -24.98 -17.08 -27.54
C GLU D 84 -25.49 -15.80 -26.89
N ILE D 85 -25.92 -15.88 -25.63
CA ILE D 85 -26.33 -14.68 -24.89
C ILE D 85 -25.18 -13.69 -24.86
N THR D 86 -23.98 -14.17 -24.49
CA THR D 86 -22.82 -13.29 -24.38
C THR D 86 -22.51 -12.66 -25.72
N ARG D 87 -22.48 -13.47 -26.78
CA ARG D 87 -22.16 -12.98 -28.11
C ARG D 87 -23.13 -11.89 -28.54
N LYS D 88 -24.43 -12.15 -28.38
CA LYS D 88 -25.41 -11.16 -28.83
C LYS D 88 -25.34 -9.89 -28.01
N MET D 89 -25.21 -10.01 -26.68
CA MET D 89 -25.18 -8.78 -25.88
C MET D 89 -23.90 -7.96 -26.13
N PHE D 90 -22.77 -8.63 -26.30
CA PHE D 90 -21.51 -7.94 -26.53
C PHE D 90 -21.57 -7.25 -27.88
N GLU D 91 -22.00 -7.96 -28.93
CA GLU D 91 -22.15 -7.37 -30.25
C GLU D 91 -23.18 -6.26 -30.28
N ALA D 92 -24.24 -6.36 -29.47
CA ALA D 92 -25.27 -5.33 -29.45
C ALA D 92 -24.80 -4.02 -28.84
N GLY D 93 -23.60 -3.97 -28.27
CA GLY D 93 -23.09 -2.77 -27.64
C GLY D 93 -23.55 -2.57 -26.22
N LYS D 94 -24.16 -3.57 -25.62
CA LYS D 94 -24.55 -3.45 -24.23
C LYS D 94 -23.31 -3.49 -23.34
N PRO D 95 -23.36 -2.83 -22.19
CA PRO D 95 -22.20 -2.88 -21.29
C PRO D 95 -21.93 -4.32 -20.87
N VAL D 96 -20.66 -4.72 -20.98
CA VAL D 96 -20.20 -6.04 -20.58
C VAL D 96 -19.02 -5.88 -19.66
N ALA D 97 -19.15 -6.35 -18.41
CA ALA D 97 -18.07 -6.27 -17.44
C ALA D 97 -17.50 -7.67 -17.23
N SER D 98 -16.18 -7.78 -17.30
CA SER D 98 -15.52 -9.04 -17.00
C SER D 98 -14.37 -8.86 -16.03
N ILE D 99 -14.12 -9.89 -15.22
CA ILE D 99 -12.97 -9.87 -14.33
C ILE D 99 -12.33 -11.25 -14.25
N OCS D 100 -10.99 -11.30 -14.15
CA OCS D 100 -10.27 -12.55 -13.82
CB OCS D 100 -10.80 -13.03 -12.45
SG OCS D 100 -10.02 -14.40 -11.60
C OCS D 100 -10.39 -13.58 -14.95
O OCS D 100 -9.92 -13.32 -16.07
OD1 OCS D 100 -10.77 -15.65 -11.75
OD2 OCS D 100 -8.65 -14.43 -11.99
OD3 OCS D 100 -10.04 -14.23 -10.11
HA OCS D 100 -9.30 -12.43 -13.72
HB2 OCS D 100 -11.73 -13.29 -12.58
HB3 OCS D 100 -10.75 -12.27 -11.84
N HIS D 101 -11.02 -14.72 -14.68
CA HIS D 101 -11.28 -15.70 -15.73
C HIS D 101 -12.52 -15.43 -16.58
N GLY D 102 -13.31 -14.41 -16.23
CA GLY D 102 -14.52 -14.12 -16.97
C GLY D 102 -14.34 -14.10 -18.47
N PRO D 103 -13.25 -13.55 -19.00
CA PRO D 103 -13.07 -13.53 -20.47
C PRO D 103 -13.02 -14.88 -21.17
N GLN D 104 -12.86 -16.00 -20.44
CA GLN D 104 -12.96 -17.28 -21.12
C GLN D 104 -14.30 -17.42 -21.82
N ILE D 105 -15.37 -16.84 -21.23
CA ILE D 105 -16.68 -16.89 -21.86
C ILE D 105 -16.69 -16.06 -23.14
N LEU D 106 -16.04 -14.89 -23.10
CA LEU D 106 -15.95 -14.04 -24.28
C LEU D 106 -15.12 -14.70 -25.38
N ILE D 107 -14.00 -15.35 -25.01
CA ILE D 107 -13.25 -16.15 -25.98
C ILE D 107 -14.18 -17.11 -26.71
N SER D 108 -14.95 -17.90 -25.95
CA SER D 108 -15.82 -18.90 -26.53
C SER D 108 -16.97 -18.31 -27.31
N ALA D 109 -17.39 -17.09 -26.97
CA ALA D 109 -18.42 -16.39 -27.74
C ALA D 109 -17.89 -15.85 -29.06
N GLY D 110 -16.57 -15.85 -29.26
CA GLY D 110 -15.98 -15.47 -30.51
C GLY D 110 -16.04 -14.00 -30.82
N VAL D 111 -16.06 -13.14 -29.80
CA VAL D 111 -16.29 -11.71 -29.97
C VAL D 111 -15.04 -10.86 -29.78
N LEU D 112 -13.88 -11.44 -29.47
CA LEU D 112 -12.75 -10.63 -29.03
C LEU D 112 -11.82 -10.16 -30.15
N LYS D 113 -12.03 -10.57 -31.40
CA LYS D 113 -11.09 -10.18 -32.43
C LYS D 113 -11.07 -8.66 -32.57
N GLY D 114 -9.87 -8.08 -32.48
CA GLY D 114 -9.74 -6.64 -32.65
C GLY D 114 -10.17 -5.83 -31.45
N ARG D 115 -10.43 -6.47 -30.32
CA ARG D 115 -10.78 -5.78 -29.10
C ARG D 115 -9.57 -5.73 -28.19
N LYS D 116 -9.74 -5.09 -27.04
CA LYS D 116 -8.67 -4.80 -26.10
C LYS D 116 -9.19 -4.90 -24.67
N GLY D 117 -8.46 -5.64 -23.85
CA GLY D 117 -8.85 -5.73 -22.46
C GLY D 117 -7.83 -6.48 -21.64
N THR D 118 -8.23 -6.78 -20.41
CA THR D 118 -7.40 -7.49 -19.47
C THR D 118 -8.17 -8.66 -18.89
N SER D 119 -7.49 -9.39 -18.02
CA SER D 119 -7.97 -10.62 -17.43
C SER D 119 -6.93 -11.04 -16.41
N THR D 120 -7.15 -12.13 -15.70
CA THR D 120 -6.02 -12.72 -15.00
C THR D 120 -4.91 -13.04 -16.00
N ILE D 121 -3.66 -12.81 -15.59
CA ILE D 121 -2.54 -13.05 -16.50
C ILE D 121 -2.40 -14.51 -16.83
N THR D 122 -2.98 -15.39 -16.00
CA THR D 122 -2.91 -16.81 -16.32
C THR D 122 -3.69 -17.22 -17.58
N ILE D 123 -4.52 -16.34 -18.16
CA ILE D 123 -5.15 -16.61 -19.45
C ILE D 123 -4.80 -15.57 -20.50
N ARG D 124 -3.80 -14.72 -20.25
CA ARG D 124 -3.36 -13.74 -21.23
C ARG D 124 -3.16 -14.38 -22.59
N ASP D 125 -2.45 -15.51 -22.63
CA ASP D 125 -2.11 -16.09 -23.92
C ASP D 125 -3.35 -16.54 -24.69
N ASP D 126 -4.39 -16.95 -23.96
CA ASP D 126 -5.62 -17.40 -24.59
C ASP D 126 -6.44 -16.23 -25.11
N VAL D 127 -6.39 -15.11 -24.40
CA VAL D 127 -7.05 -13.90 -24.89
C VAL D 127 -6.35 -13.40 -26.15
N VAL D 128 -5.01 -13.41 -26.17
CA VAL D 128 -4.27 -13.03 -27.37
C VAL D 128 -4.61 -13.95 -28.53
N ASN D 129 -4.64 -15.26 -28.27
CA ASN D 129 -4.94 -16.18 -29.36
C ASN D 129 -6.37 -16.06 -29.85
N ALA D 130 -7.26 -15.45 -29.07
CA ALA D 130 -8.62 -15.19 -29.47
C ALA D 130 -8.72 -13.92 -30.32
N GLY D 131 -7.61 -13.21 -30.49
CA GLY D 131 -7.54 -12.06 -31.36
C GLY D 131 -7.59 -10.71 -30.67
N ALA D 132 -7.59 -10.68 -29.34
CA ALA D 132 -7.64 -9.42 -28.63
C ALA D 132 -6.23 -8.95 -28.31
N GLU D 133 -6.11 -7.65 -28.08
CA GLU D 133 -4.92 -7.07 -27.47
C GLU D 133 -5.11 -7.21 -25.96
N TRP D 134 -4.13 -7.82 -25.30
CA TRP D 134 -4.18 -7.99 -23.84
C TRP D 134 -3.25 -6.96 -23.22
N VAL D 135 -3.73 -6.26 -22.19
CA VAL D 135 -2.91 -5.36 -21.38
C VAL D 135 -3.12 -5.68 -19.90
N ASN D 136 -2.13 -5.27 -19.07
CA ASN D 136 -2.15 -5.52 -17.62
C ASN D 136 -2.48 -4.22 -16.91
N GLU D 137 -3.77 -4.00 -16.65
CA GLU D 137 -4.22 -2.80 -15.98
C GLU D 137 -5.34 -3.16 -15.01
N GLU D 138 -5.48 -2.37 -13.93
CA GLU D 138 -6.54 -2.64 -12.97
C GLU D 138 -7.90 -2.61 -13.63
N VAL D 139 -8.09 -1.76 -14.64
CA VAL D 139 -9.33 -1.71 -15.40
C VAL D 139 -9.05 -1.20 -16.80
N VAL D 140 -9.72 -1.79 -17.79
CA VAL D 140 -9.64 -1.34 -19.18
C VAL D 140 -11.06 -1.09 -19.66
N VAL D 141 -11.27 0.05 -20.32
CA VAL D 141 -12.55 0.35 -20.95
C VAL D 141 -12.32 0.36 -22.46
N ASP D 142 -12.93 -0.61 -23.14
CA ASP D 142 -12.82 -0.75 -24.60
C ASP D 142 -14.23 -0.72 -25.17
N GLY D 143 -14.71 0.48 -25.46
CA GLY D 143 -16.07 0.64 -25.89
C GLY D 143 -17.03 0.21 -24.80
N ASN D 144 -17.79 -0.85 -25.05
CA ASN D 144 -18.74 -1.37 -24.09
C ASN D 144 -18.15 -2.44 -23.17
N TRP D 145 -16.90 -2.84 -23.37
CA TRP D 145 -16.28 -3.92 -22.59
C TRP D 145 -15.36 -3.33 -21.53
N VAL D 146 -15.73 -3.54 -20.25
CA VAL D 146 -14.99 -3.07 -19.09
C VAL D 146 -14.39 -4.29 -18.42
N SER D 147 -13.07 -4.38 -18.39
CA SER D 147 -12.41 -5.59 -17.93
C SER D 147 -11.42 -5.29 -16.81
N SER D 148 -11.29 -6.23 -15.87
CA SER D 148 -10.36 -6.12 -14.76
C SER D 148 -9.75 -7.50 -14.50
N ARG D 149 -8.84 -7.60 -13.54
CA ARG D 149 -8.06 -8.82 -13.39
C ARG D 149 -8.38 -9.66 -12.16
N HIS D 150 -8.45 -9.07 -10.99
CA HIS D 150 -8.53 -9.91 -9.80
C HIS D 150 -9.29 -9.12 -8.75
N PRO D 151 -9.67 -9.76 -7.63
CA PRO D 151 -10.59 -9.10 -6.70
C PRO D 151 -10.09 -7.76 -6.19
N GLY D 152 -8.77 -7.57 -6.06
CA GLY D 152 -8.24 -6.30 -5.65
C GLY D 152 -8.63 -5.15 -6.55
N ASP D 153 -9.06 -5.45 -7.78
CA ASP D 153 -9.45 -4.42 -8.73
C ASP D 153 -10.92 -4.02 -8.64
N LEU D 154 -11.69 -4.65 -7.74
CA LEU D 154 -13.15 -4.48 -7.73
C LEU D 154 -13.57 -3.01 -7.73
N TYR D 155 -12.94 -2.18 -6.89
CA TYR D 155 -13.37 -0.77 -6.80
C TYR D 155 -13.25 -0.06 -8.13
N ALA D 156 -12.17 -0.32 -8.88
CA ALA D 156 -11.92 0.37 -10.14
C ALA D 156 -12.80 -0.20 -11.24
N TRP D 157 -12.98 -1.51 -11.22
CA TRP D 157 -13.83 -2.21 -12.17
C TRP D 157 -15.25 -1.65 -12.12
N MET D 158 -15.83 -1.58 -10.92
CA MET D 158 -17.17 -1.06 -10.77
C MET D 158 -17.24 0.43 -11.01
N ARG D 159 -16.20 1.17 -10.62
CA ARG D 159 -16.22 2.61 -10.85
C ARG D 159 -16.38 2.88 -12.34
N GLU D 160 -15.68 2.12 -13.17
CA GLU D 160 -15.82 2.38 -14.59
C GLU D 160 -17.10 1.75 -15.15
N PHE D 161 -17.49 0.58 -14.67
CA PHE D 161 -18.65 -0.09 -15.26
C PHE D 161 -19.93 0.67 -14.99
N VAL D 162 -20.09 1.21 -13.78
CA VAL D 162 -21.31 1.91 -13.42
CA VAL D 162 -21.34 1.88 -13.46
C VAL D 162 -21.54 3.11 -14.35
N LYS D 163 -20.46 3.71 -14.85
CA LYS D 163 -20.62 4.86 -15.74
C LYS D 163 -21.35 4.45 -17.02
N LEU D 164 -21.19 3.20 -17.45
CA LEU D 164 -21.89 2.73 -18.64
C LEU D 164 -23.35 2.40 -18.38
N LEU D 165 -23.74 2.23 -17.12
CA LEU D 165 -25.10 1.90 -16.77
C LEU D 165 -25.94 3.15 -16.60
N LYS D 166 -25.31 4.32 -16.64
CA LYS D 166 -25.98 5.60 -16.63
C LYS D 166 -26.22 5.97 -18.09
C1 MPD E . 27.48 1.18 5.99
C2 MPD E . 28.43 2.26 5.49
O2 MPD E . 28.42 2.24 4.05
CM MPD E . 29.84 1.91 5.97
C3 MPD E . 27.93 3.57 6.08
C4 MPD E . 28.22 4.83 5.29
O4 MPD E . 27.71 4.70 3.98
C5 MPD E . 27.62 6.05 6.00
H11 MPD E . 27.31 1.31 7.05
H12 MPD E . 27.91 0.20 5.80
H13 MPD E . 26.53 1.26 5.45
HO2 MPD E . 28.43 3.17 3.72
HM1 MPD E . 30.11 2.58 6.79
HM2 MPD E . 30.54 2.04 5.15
HM3 MPD E . 29.86 0.88 6.32
H31 MPD E . 28.36 3.68 7.07
H32 MPD E . 26.84 3.49 6.20
H4 MPD E . 29.30 4.98 5.21
HO4 MPD E . 26.90 4.17 3.99
H51 MPD E . 27.27 6.76 5.26
H52 MPD E . 28.39 6.51 6.62
H53 MPD E . 26.79 5.72 6.62
C1 MPD F . 5.07 11.07 -3.38
C2 MPD F . 3.83 11.29 -2.51
O2 MPD F . 3.21 10.01 -2.20
CM MPD F . 2.83 12.13 -3.30
C3 MPD F . 4.27 11.99 -1.23
C4 MPD F . 3.17 12.07 -0.18
O4 MPD F . 2.69 10.77 0.10
C5 MPD F . 3.61 12.69 1.14
H11 MPD F . 5.70 11.95 -3.32
H12 MPD F . 4.77 10.91 -4.41
H13 MPD F . 5.61 10.20 -3.02
HO2 MPD F . 2.72 10.09 -1.36
HM1 MPD F . 3.18 13.16 -3.33
HM2 MPD F . 1.86 12.11 -2.80
HM3 MPD F . 2.73 11.73 -4.30
H31 MPD F . 4.59 13.01 -1.48
H32 MPD F . 5.13 11.47 -0.81
H4 MPD F . 2.39 12.70 -0.63
HO4 MPD F . 3.36 10.30 0.65
H51 MPD F . 2.83 12.57 1.88
H52 MPD F . 3.81 13.76 0.99
H53 MPD F . 4.53 12.20 1.47
C1 MPD G . -4.10 -5.35 -6.55
C2 MPD G . -2.69 -5.35 -7.15
O2 MPD G . -2.43 -6.71 -7.55
CM MPD G . -1.67 -4.98 -6.08
C3 MPD G . -2.68 -4.38 -8.33
C4 MPD G . -1.30 -3.95 -8.82
O4 MPD G . -0.76 -5.02 -9.57
C5 MPD G . -1.34 -2.71 -9.70
H11 MPD G . -4.40 -4.32 -6.36
H12 MPD G . -4.09 -5.91 -5.61
H13 MPD G . -4.79 -5.81 -7.25
HO2 MPD G . -2.99 -6.93 -8.32
HM1 MPD G . -1.66 -3.90 -5.94
HM2 MPD G . -0.67 -5.31 -6.40
HM3 MPD G . -1.93 -5.46 -5.14
H31 MPD G . -3.23 -3.48 -8.05
H32 MPD G . -3.21 -4.84 -9.16
H4 MPD G . -0.69 -3.72 -7.94
HO4 MPD G . 0.15 -4.78 -9.87
H51 MPD G . -0.51 -2.74 -10.41
H52 MPD G . -1.26 -1.82 -9.08
H53 MPD G . -2.28 -2.69 -10.25
P PO4 H . -30.61 -11.94 10.71
O1 PO4 H . -31.26 -13.24 11.15
O2 PO4 H . -31.43 -10.79 11.19
O3 PO4 H . -30.59 -11.89 9.22
O4 PO4 H . -29.18 -11.83 11.21
C1 MPD I . -23.97 -14.91 0.49
C2 MPD I . -25.33 -14.27 0.25
O2 MPD I . -25.54 -13.20 1.19
CM MPD I . -26.38 -15.36 0.50
C3 MPD I . -25.33 -13.77 -1.19
C4 MPD I . -26.22 -12.55 -1.43
O4 MPD I . -25.85 -11.49 -0.58
C5 MPD I . -26.15 -12.16 -2.91
H11 MPD I . -23.56 -15.28 -0.44
H12 MPD I . -24.07 -15.73 1.21
H13 MPD I . -23.29 -14.16 0.92
HO2 MPD I . -25.27 -12.35 0.78
HM1 MPD I . -26.52 -15.95 -0.40
HM2 MPD I . -27.32 -14.90 0.78
HM3 MPD I . -26.03 -16.01 1.32
H31 MPD I . -25.64 -14.58 -1.85
H32 MPD I . -24.30 -13.50 -1.46
H4 MPD I . -27.27 -12.79 -1.20
HO4 MPD I . -24.89 -11.30 -0.67
H51 MPD I . -26.06 -11.08 -3.00
H52 MPD I . -27.06 -12.50 -3.42
H53 MPD I . -25.29 -12.64 -3.37
P PO4 J . -17.81 -5.81 -32.25
O1 PO4 J . -18.70 -6.87 -31.69
O2 PO4 J . -18.49 -4.49 -31.96
O3 PO4 J . -17.74 -6.04 -33.74
O4 PO4 J . -16.40 -5.92 -31.70
#